data_5UX9
#
_entry.id   5UX9
#
_cell.length_a   147.426
_cell.length_b   147.426
_cell.length_c   101.211
_cell.angle_alpha   90.00
_cell.angle_beta   90.00
_cell.angle_gamma   120.00
#
_symmetry.space_group_name_H-M   'P 63'
#
loop_
_entity.id
_entity.type
_entity.pdbx_description
1 polymer 'Chloramphenicol acetyltransferase'
2 non-polymer '2-(N-MORPHOLINO)-ETHANESULFONIC ACID'
3 non-polymer 'MAGNESIUM ION'
4 non-polymer 'ACETATE ION'
5 non-polymer 'CHLORIDE ION'
6 non-polymer 'FORMIC ACID'
7 water water
#
_entity_poly.entity_id   1
_entity_poly.type   'polypeptide(L)'
_entity_poly.pdbx_seq_one_letter_code
;SNA(MSE)EAFNSWLEGQNLKEQVKNPNIEVGDYSYYSGFYHSKTFEEQAVRYLLGDAPTQEVWESGQFGEVDKLRIGKF
CSIASGATF(MSE)(MSE)AGNQGHRADWISTFPFSKKEFGEGVKDGFQRAGDTIVGNDVWIGSEA(MSE)I(MSE)PGV
HIGDGAIIGARAVITKNVAPYSVVVGNNVVVKKRFDENLIQTLLVIKWWDWPLQHIKNT(MSE)EILCSGHIEELEQYFI
KNVGS
;
_entity_poly.pdbx_strand_id   A,B,C,D
#
loop_
_chem_comp.id
_chem_comp.type
_chem_comp.name
_chem_comp.formula
ACT non-polymer 'ACETATE ION' 'C2 H3 O2 -1'
CL non-polymer 'CHLORIDE ION' 'Cl -1'
FMT non-polymer 'FORMIC ACID' 'C H2 O2'
MES non-polymer '2-(N-MORPHOLINO)-ETHANESULFONIC ACID' 'C6 H13 N O4 S'
MG non-polymer 'MAGNESIUM ION' 'Mg 2'
#
# COMPACT_ATOMS: atom_id res chain seq x y z
N ALA A 6 12.33 26.64 -10.58
CA ALA A 6 11.16 26.35 -9.78
C ALA A 6 10.13 25.58 -10.60
N PHE A 7 8.84 25.85 -10.34
CA PHE A 7 7.75 25.24 -11.07
C PHE A 7 6.70 26.30 -11.36
N ASN A 8 6.45 26.56 -12.64
CA ASN A 8 5.46 27.56 -13.02
C ASN A 8 4.05 27.07 -12.74
N SER A 9 3.75 25.83 -13.11
CA SER A 9 2.44 25.24 -12.88
C SER A 9 2.61 23.76 -12.59
N TRP A 10 1.52 23.12 -12.20
CA TRP A 10 1.53 21.68 -11.97
C TRP A 10 1.41 20.87 -13.26
N LEU A 11 1.29 21.54 -14.41
CA LEU A 11 1.25 20.85 -15.69
C LEU A 11 2.63 20.51 -16.23
N GLU A 12 3.69 21.08 -15.66
CA GLU A 12 5.05 20.90 -16.16
C GLU A 12 5.84 20.01 -15.22
N GLY A 13 6.70 19.17 -15.80
CA GLY A 13 7.57 18.30 -15.03
C GLY A 13 9.01 18.41 -15.48
N GLN A 14 9.91 18.65 -14.54
CA GLN A 14 11.32 18.88 -14.88
C GLN A 14 11.99 17.57 -15.25
N ASN A 15 12.65 17.56 -16.41
CA ASN A 15 13.44 16.41 -16.82
C ASN A 15 14.60 16.21 -15.86
N LEU A 16 14.69 15.01 -15.28
CA LEU A 16 15.64 14.78 -14.20
C LEU A 16 17.07 14.66 -14.72
N LYS A 17 17.26 13.91 -15.81
CA LYS A 17 18.61 13.66 -16.31
C LYS A 17 19.31 14.97 -16.69
N GLU A 18 18.56 15.94 -17.22
CA GLU A 18 19.15 17.21 -17.60
C GLU A 18 19.48 18.10 -16.39
N GLN A 19 19.00 17.76 -15.21
CA GLN A 19 19.03 18.67 -14.06
C GLN A 19 19.83 18.15 -12.88
N VAL A 20 19.79 16.84 -12.61
CA VAL A 20 20.38 16.31 -11.38
C VAL A 20 21.89 16.54 -11.39
N LYS A 21 22.40 17.08 -10.28
CA LYS A 21 23.82 17.36 -10.12
C LYS A 21 24.54 16.42 -9.16
N ASN A 22 23.82 15.76 -8.27
CA ASN A 22 24.45 14.90 -7.27
C ASN A 22 25.13 13.72 -7.95
N PRO A 23 26.39 13.45 -7.64
CA PRO A 23 27.05 12.26 -8.22
C PRO A 23 26.51 10.95 -7.66
N ASN A 24 25.85 10.97 -6.50
CA ASN A 24 25.28 9.78 -5.90
C ASN A 24 23.88 9.49 -6.41
N ILE A 25 23.47 10.08 -7.53
CA ILE A 25 22.16 9.87 -8.12
C ILE A 25 22.34 9.53 -9.59
N GLU A 26 21.74 8.42 -10.01
CA GLU A 26 21.65 8.04 -11.42
C GLU A 26 20.18 8.01 -11.82
N VAL A 27 19.87 8.59 -12.98
CA VAL A 27 18.50 8.68 -13.46
C VAL A 27 18.50 8.49 -14.96
N GLY A 28 17.49 7.76 -15.46
CA GLY A 28 17.39 7.44 -16.86
C GLY A 28 16.72 8.54 -17.67
N ASP A 29 16.61 8.29 -18.97
CA ASP A 29 16.06 9.27 -19.89
C ASP A 29 14.56 9.45 -19.67
N TYR A 30 14.09 10.67 -19.93
CA TYR A 30 12.67 11.02 -20.00
C TYR A 30 11.95 10.97 -18.65
N SER A 31 12.60 10.42 -17.62
CA SER A 31 12.00 10.40 -16.30
C SER A 31 11.94 11.81 -15.73
N TYR A 32 10.76 12.20 -15.23
CA TYR A 32 10.52 13.57 -14.79
C TYR A 32 10.06 13.60 -13.33
N TYR A 33 10.17 14.79 -12.75
CA TYR A 33 9.62 15.07 -11.43
C TYR A 33 8.66 16.24 -11.58
N SER A 34 7.42 16.04 -11.16
CA SER A 34 6.38 17.07 -11.20
C SER A 34 6.10 17.49 -9.76
N GLY A 35 6.83 18.50 -9.28
CA GLY A 35 6.75 18.88 -7.89
C GLY A 35 6.37 20.32 -7.62
N PHE A 36 5.29 20.78 -8.26
CA PHE A 36 4.90 22.17 -8.06
C PHE A 36 4.30 22.40 -6.68
N TYR A 37 3.50 21.46 -6.17
CA TYR A 37 2.85 21.65 -4.87
C TYR A 37 3.78 21.45 -3.69
N HIS A 38 5.08 21.32 -3.95
CA HIS A 38 6.08 21.29 -2.89
C HIS A 38 7.29 22.16 -3.23
N SER A 39 7.18 22.96 -4.29
CA SER A 39 8.06 24.10 -4.56
C SER A 39 9.47 23.72 -5.02
N LYS A 40 10.25 23.11 -4.14
CA LYS A 40 11.67 23.03 -4.48
C LYS A 40 11.96 21.87 -5.41
N THR A 41 13.22 21.77 -5.83
CA THR A 41 13.65 20.89 -6.90
C THR A 41 13.54 19.42 -6.45
N PHE A 42 13.89 18.53 -7.37
CA PHE A 42 13.93 17.11 -7.08
C PHE A 42 14.97 16.79 -6.02
N GLU A 43 16.12 17.46 -6.07
CA GLU A 43 17.25 17.09 -5.20
C GLU A 43 17.20 17.73 -3.82
N GLU A 44 16.36 18.76 -3.61
CA GLU A 44 16.24 19.35 -2.27
C GLU A 44 15.03 18.84 -1.50
N GLN A 45 13.94 18.47 -2.18
CA GLN A 45 12.73 18.01 -1.50
C GLN A 45 12.52 16.51 -1.59
N ALA A 46 12.67 15.93 -2.78
CA ALA A 46 12.37 14.51 -2.95
C ALA A 46 13.46 13.62 -2.37
N VAL A 47 14.71 13.88 -2.71
CA VAL A 47 15.85 13.10 -2.22
C VAL A 47 16.31 13.72 -0.90
N ARG A 48 16.23 12.94 0.18
CA ARG A 48 16.51 13.44 1.52
C ARG A 48 17.61 12.61 2.17
N TYR A 49 18.52 13.31 2.86
CA TYR A 49 19.59 12.69 3.65
C TYR A 49 20.55 11.89 2.77
N LEU A 50 21.04 12.52 1.71
CA LEU A 50 22.04 11.90 0.85
C LEU A 50 23.17 12.90 0.62
N LEU A 51 24.36 12.55 1.11
CA LEU A 51 25.52 13.42 0.94
C LEU A 51 25.84 13.60 -0.54
N GLY A 52 26.33 14.79 -0.88
CA GLY A 52 26.60 15.17 -2.25
C GLY A 52 25.71 16.27 -2.77
N ASP A 53 24.57 16.53 -2.11
CA ASP A 53 23.71 17.63 -2.48
C ASP A 53 24.36 18.94 -2.04
N ALA A 54 23.59 20.04 -2.11
CA ALA A 54 24.15 21.35 -1.77
C ALA A 54 24.56 21.44 -0.30
N PRO A 55 23.66 21.33 0.68
CA PRO A 55 24.04 21.66 2.06
C PRO A 55 25.11 20.76 2.65
N THR A 56 25.40 19.62 2.01
CA THR A 56 26.44 18.71 2.49
C THR A 56 27.57 18.53 1.47
N GLN A 57 27.60 19.33 0.41
CA GLN A 57 28.64 19.17 -0.60
C GLN A 57 30.02 19.28 0.01
N GLU A 58 30.25 20.32 0.81
CA GLU A 58 31.55 20.48 1.46
C GLU A 58 31.91 19.28 2.32
N VAL A 59 30.91 18.60 2.88
CA VAL A 59 31.20 17.41 3.67
C VAL A 59 31.53 16.22 2.77
N TRP A 60 30.89 16.13 1.60
CA TRP A 60 31.11 14.99 0.71
C TRP A 60 32.44 15.07 0.00
N GLU A 61 32.88 16.27 -0.39
CA GLU A 61 34.13 16.41 -1.12
C GLU A 61 35.33 16.00 -0.26
N SER A 62 35.21 16.11 1.05
CA SER A 62 36.30 15.75 1.96
C SER A 62 36.46 14.26 2.14
N GLY A 63 35.58 13.43 1.57
CA GLY A 63 35.65 12.00 1.76
C GLY A 63 35.51 11.56 3.20
N GLN A 64 34.76 12.32 4.00
CA GLN A 64 34.70 12.09 5.44
C GLN A 64 34.01 10.77 5.77
N PHE A 65 32.92 10.46 5.06
CA PHE A 65 32.12 9.28 5.37
C PHE A 65 32.23 8.19 4.31
N GLY A 66 33.21 8.28 3.42
CA GLY A 66 33.47 7.23 2.45
C GLY A 66 32.31 6.98 1.52
N GLU A 67 32.16 5.72 1.11
CA GLU A 67 31.09 5.34 0.19
C GLU A 67 29.73 5.45 0.87
N VAL A 68 28.71 5.72 0.06
CA VAL A 68 27.36 5.95 0.56
C VAL A 68 26.36 5.28 -0.39
N ASP A 69 25.16 5.04 0.12
CA ASP A 69 24.10 4.47 -0.69
C ASP A 69 23.68 5.46 -1.77
N LYS A 70 23.48 4.94 -2.99
CA LYS A 70 23.12 5.75 -4.14
C LYS A 70 21.65 5.54 -4.49
N LEU A 71 21.11 6.48 -5.25
CA LEU A 71 19.74 6.41 -5.75
C LEU A 71 19.80 6.19 -7.26
N ARG A 72 19.16 5.11 -7.73
CA ARG A 72 19.18 4.75 -9.15
C ARG A 72 17.76 4.71 -9.68
N ILE A 73 17.46 5.56 -10.65
CA ILE A 73 16.15 5.65 -11.26
C ILE A 73 16.28 5.24 -12.73
N GLY A 74 15.32 4.44 -13.21
CA GLY A 74 15.33 4.00 -14.59
C GLY A 74 14.77 5.03 -15.55
N LYS A 75 14.30 4.54 -16.69
CA LYS A 75 13.77 5.39 -17.76
C LYS A 75 12.26 5.47 -17.68
N PHE A 76 11.72 6.56 -18.25
CA PHE A 76 10.29 6.77 -18.40
C PHE A 76 9.54 6.63 -17.08
N CYS A 77 10.10 7.24 -16.03
CA CYS A 77 9.50 7.19 -14.70
C CYS A 77 8.73 8.47 -14.43
N SER A 78 7.60 8.33 -13.75
CA SER A 78 6.74 9.46 -13.37
C SER A 78 6.74 9.57 -11.87
N ILE A 79 7.32 10.66 -11.35
CA ILE A 79 7.40 10.93 -9.92
C ILE A 79 6.58 12.17 -9.62
N ALA A 80 5.51 11.99 -8.85
CA ALA A 80 4.60 13.08 -8.53
C ALA A 80 5.13 13.92 -7.36
N SER A 81 4.41 15.00 -7.09
CA SER A 81 4.91 15.97 -6.13
C SER A 81 4.81 15.42 -4.71
N GLY A 82 5.93 15.57 -3.98
CA GLY A 82 6.02 15.11 -2.62
C GLY A 82 6.57 13.72 -2.43
N ALA A 83 6.73 12.95 -3.51
CA ALA A 83 7.34 11.63 -3.42
C ALA A 83 8.76 11.76 -2.88
N THR A 84 9.02 11.09 -1.76
CA THR A 84 10.25 11.28 -1.01
C THR A 84 11.03 9.97 -0.93
N PHE A 85 12.34 10.05 -1.17
CA PHE A 85 13.25 8.92 -1.09
C PHE A 85 14.13 9.10 0.14
N MSE A 86 13.89 8.30 1.17
CA MSE A 86 14.71 8.33 2.37
C MSE A 86 16.06 7.66 2.12
O MSE A 86 16.12 6.50 1.71
CB MSE A 86 14.00 7.64 3.54
CG MSE A 86 12.59 8.14 3.79
SE MSE A 86 12.50 10.09 3.91
CE MSE A 86 13.27 10.34 5.67
N MSE A 87 17.13 8.40 2.36
CA MSE A 87 18.49 7.84 2.25
C MSE A 87 19.15 7.84 3.63
O MSE A 87 18.46 7.93 4.65
CB MSE A 87 19.32 8.63 1.25
CG MSE A 87 18.64 8.87 -0.10
SE MSE A 87 18.05 7.22 -0.98
CE MSE A 87 19.72 6.72 -1.83
N ALA A 88 20.47 7.72 3.65
CA ALA A 88 21.29 7.68 4.86
C ALA A 88 20.97 6.50 5.76
N GLY A 89 20.25 5.50 5.26
CA GLY A 89 20.03 4.28 6.03
C GLY A 89 19.33 4.54 7.34
N ASN A 90 19.96 4.11 8.44
CA ASN A 90 19.39 4.22 9.77
C ASN A 90 19.72 5.54 10.47
N GLN A 91 20.55 6.39 9.84
CA GLN A 91 20.93 7.69 10.39
C GLN A 91 21.57 7.58 11.77
N GLY A 92 22.33 6.50 12.01
CA GLY A 92 22.97 6.31 13.29
C GLY A 92 22.08 5.76 14.39
N HIS A 93 20.78 5.66 14.16
CA HIS A 93 19.87 5.12 15.16
C HIS A 93 19.86 3.59 15.09
N ARG A 94 20.08 2.95 16.22
CA ARG A 94 20.16 1.49 16.30
C ARG A 94 19.15 0.99 17.32
N ALA A 95 18.06 0.39 16.82
CA ALA A 95 17.05 -0.17 17.71
C ALA A 95 17.61 -1.31 18.55
N ASP A 96 18.64 -2.00 18.06
CA ASP A 96 19.20 -3.14 18.77
C ASP A 96 20.00 -2.70 20.00
N TRP A 97 20.53 -1.49 19.99
CA TRP A 97 21.33 -1.01 21.11
C TRP A 97 20.43 -0.49 22.23
N ILE A 98 21.03 -0.33 23.41
CA ILE A 98 20.29 0.12 24.58
C ILE A 98 19.67 1.50 24.35
N SER A 99 20.37 2.36 23.61
CA SER A 99 19.89 3.70 23.32
C SER A 99 19.88 3.94 21.82
N THR A 100 18.79 4.52 21.33
CA THR A 100 18.68 4.93 19.93
C THR A 100 19.26 6.33 19.68
N PHE A 101 19.94 6.90 20.67
CA PHE A 101 20.42 8.28 20.59
C PHE A 101 21.80 8.32 19.94
N PRO A 102 22.00 9.14 18.92
CA PRO A 102 23.33 9.25 18.31
C PRO A 102 24.26 10.14 19.11
N PHE A 103 24.94 9.56 20.10
CA PHE A 103 25.86 10.33 20.93
C PHE A 103 27.02 10.85 20.09
N SER A 104 27.47 12.06 20.40
CA SER A 104 28.58 12.70 19.70
C SER A 104 29.87 12.56 20.51
N LYS A 105 30.97 12.31 19.81
CA LYS A 105 32.26 12.18 20.48
C LYS A 105 32.70 13.47 21.15
N LYS A 106 32.18 14.62 20.70
CA LYS A 106 32.54 15.88 21.33
C LYS A 106 31.90 16.02 22.71
N GLU A 107 30.62 15.65 22.82
CA GLU A 107 29.89 15.82 24.07
C GLU A 107 30.08 14.66 25.04
N PHE A 108 30.41 13.46 24.54
CA PHE A 108 30.55 12.28 25.38
C PHE A 108 31.93 11.68 25.15
N GLY A 109 32.22 10.61 25.87
CA GLY A 109 33.54 9.99 25.80
C GLY A 109 33.83 9.43 24.42
N GLU A 110 35.11 9.09 24.22
CA GLU A 110 35.57 8.44 23.01
C GLU A 110 34.99 7.05 22.84
N GLY A 111 34.35 6.51 23.89
CA GLY A 111 33.74 5.19 23.82
C GLY A 111 32.46 5.19 23.01
N VAL A 112 32.16 6.33 22.37
CA VAL A 112 31.04 6.40 21.44
C VAL A 112 31.36 5.55 20.22
N LYS A 113 30.45 4.63 19.89
CA LYS A 113 30.57 3.80 18.71
C LYS A 113 29.53 4.23 17.69
N ASP A 114 29.98 4.47 16.46
CA ASP A 114 29.08 4.92 15.41
C ASP A 114 28.11 3.81 15.03
N GLY A 115 26.81 4.10 15.13
CA GLY A 115 25.78 3.14 14.81
C GLY A 115 25.22 3.24 13.42
N PHE A 116 25.82 4.05 12.55
CA PHE A 116 25.34 4.17 11.18
C PHE A 116 25.53 2.84 10.45
N GLN A 117 24.61 2.54 9.53
CA GLN A 117 24.67 1.33 8.74
C GLN A 117 24.05 1.59 7.38
N ARG A 118 24.76 1.20 6.33
CA ARG A 118 24.21 1.31 4.98
C ARG A 118 23.02 0.39 4.82
N ALA A 119 22.05 0.82 4.01
CA ALA A 119 20.88 0.03 3.72
C ALA A 119 20.89 -0.53 2.30
N GLY A 120 21.94 -0.27 1.53
CA GLY A 120 21.97 -0.63 0.13
C GLY A 120 21.40 0.46 -0.76
N ASP A 121 21.75 0.39 -2.04
CA ASP A 121 21.27 1.37 -2.99
C ASP A 121 19.77 1.25 -3.17
N THR A 122 19.09 2.39 -3.24
CA THR A 122 17.68 2.45 -3.56
C THR A 122 17.54 2.45 -5.08
N ILE A 123 16.92 1.41 -5.63
CA ILE A 123 16.88 1.19 -7.07
C ILE A 123 15.42 1.22 -7.53
N VAL A 124 15.10 2.15 -8.43
CA VAL A 124 13.79 2.24 -9.05
C VAL A 124 13.95 1.83 -10.52
N GLY A 125 13.13 0.87 -10.96
CA GLY A 125 13.21 0.39 -12.32
C GLY A 125 12.70 1.36 -13.36
N ASN A 126 12.27 0.84 -14.51
CA ASN A 126 11.77 1.66 -15.60
C ASN A 126 10.25 1.63 -15.63
N ASP A 127 9.66 2.67 -16.22
CA ASP A 127 8.21 2.79 -16.35
C ASP A 127 7.51 2.72 -15.00
N VAL A 128 8.08 3.42 -14.02
CA VAL A 128 7.56 3.41 -12.65
C VAL A 128 6.80 4.71 -12.42
N TRP A 129 5.58 4.60 -11.90
CA TRP A 129 4.76 5.74 -11.52
C TRP A 129 4.63 5.73 -10.00
N ILE A 130 5.21 6.74 -9.36
CA ILE A 130 5.19 6.89 -7.90
C ILE A 130 4.25 8.04 -7.56
N GLY A 131 3.18 7.73 -6.84
CA GLY A 131 2.15 8.71 -6.54
C GLY A 131 2.65 9.84 -5.65
N SER A 132 1.80 10.85 -5.49
CA SER A 132 2.18 12.06 -4.76
C SER A 132 2.36 11.78 -3.27
N GLU A 133 3.42 12.37 -2.70
CA GLU A 133 3.70 12.32 -1.27
C GLU A 133 3.90 10.89 -0.76
N ALA A 134 4.33 10.00 -1.64
CA ALA A 134 4.70 8.65 -1.22
C ALA A 134 6.12 8.65 -0.66
N MSE A 135 6.38 7.71 0.23
CA MSE A 135 7.70 7.63 0.87
C MSE A 135 8.36 6.28 0.63
O MSE A 135 7.79 5.24 0.93
CB MSE A 135 7.58 7.92 2.36
CG MSE A 135 8.91 7.90 3.09
SE MSE A 135 8.74 7.92 5.03
CE MSE A 135 8.88 9.84 5.33
N ILE A 136 9.59 6.31 0.11
CA ILE A 136 10.36 5.11 -0.22
C ILE A 136 11.47 4.99 0.81
N MSE A 137 11.36 4.00 1.68
CA MSE A 137 12.36 3.76 2.72
C MSE A 137 13.70 3.34 2.10
O MSE A 137 13.75 2.91 0.95
CB MSE A 137 11.85 2.70 3.70
CG MSE A 137 10.57 3.11 4.41
SE MSE A 137 10.67 4.90 5.17
CE MSE A 137 12.01 4.59 6.54
N PRO A 138 14.80 3.47 2.87
CA PRO A 138 16.12 3.16 2.31
C PRO A 138 16.28 1.70 1.94
N GLY A 139 17.02 1.47 0.85
CA GLY A 139 17.34 0.13 0.41
C GLY A 139 16.24 -0.59 -0.35
N VAL A 140 15.21 0.11 -0.79
CA VAL A 140 14.07 -0.50 -1.44
C VAL A 140 14.33 -0.60 -2.93
N HIS A 141 14.06 -1.77 -3.50
CA HIS A 141 14.11 -1.98 -4.94
C HIS A 141 12.68 -1.99 -5.48
N ILE A 142 12.45 -1.23 -6.55
CA ILE A 142 11.14 -1.16 -7.19
C ILE A 142 11.28 -1.67 -8.62
N GLY A 143 10.47 -2.66 -8.97
CA GLY A 143 10.57 -3.30 -10.27
C GLY A 143 9.98 -2.45 -11.39
N ASP A 144 10.29 -2.86 -12.62
CA ASP A 144 9.80 -2.16 -13.79
C ASP A 144 8.28 -2.21 -13.86
N GLY A 145 7.69 -1.14 -14.39
CA GLY A 145 6.25 -1.09 -14.58
C GLY A 145 5.42 -1.03 -13.33
N ALA A 146 6.04 -0.87 -12.16
CA ALA A 146 5.30 -0.85 -10.91
C ALA A 146 4.65 0.52 -10.69
N ILE A 147 3.57 0.50 -9.91
CA ILE A 147 2.83 1.71 -9.56
C ILE A 147 2.77 1.82 -8.05
N ILE A 148 3.20 2.97 -7.53
CA ILE A 148 3.13 3.27 -6.10
C ILE A 148 2.01 4.28 -5.90
N GLY A 149 1.10 3.98 -4.98
CA GLY A 149 -0.02 4.86 -4.72
C GLY A 149 0.39 6.11 -3.97
N ALA A 150 -0.52 7.08 -3.95
CA ALA A 150 -0.27 8.34 -3.27
C ALA A 150 -0.19 8.13 -1.76
N ARG A 151 0.81 8.77 -1.14
CA ARG A 151 1.04 8.70 0.31
C ARG A 151 1.28 7.27 0.78
N ALA A 152 1.77 6.41 -0.11
CA ALA A 152 2.16 5.06 0.28
C ALA A 152 3.55 5.08 0.89
N VAL A 153 3.77 4.18 1.84
CA VAL A 153 5.07 4.03 2.49
C VAL A 153 5.61 2.66 2.10
N ILE A 154 6.61 2.64 1.22
CA ILE A 154 7.20 1.41 0.71
C ILE A 154 8.41 1.08 1.57
N THR A 155 8.34 -0.05 2.28
CA THR A 155 9.43 -0.52 3.14
C THR A 155 10.06 -1.83 2.66
N LYS A 156 9.39 -2.57 1.78
CA LYS A 156 9.93 -3.77 1.19
C LYS A 156 10.15 -3.55 -0.30
N ASN A 157 10.66 -4.59 -0.96
CA ASN A 157 10.85 -4.55 -2.40
C ASN A 157 9.50 -4.70 -3.12
N VAL A 158 9.37 -4.02 -4.25
CA VAL A 158 8.14 -4.03 -5.03
C VAL A 158 8.38 -4.85 -6.30
N ALA A 159 7.55 -5.87 -6.50
CA ALA A 159 7.66 -6.71 -7.68
C ALA A 159 7.36 -5.91 -8.94
N PRO A 160 7.93 -6.29 -10.08
CA PRO A 160 7.67 -5.56 -11.32
C PRO A 160 6.20 -5.61 -11.69
N TYR A 161 5.68 -4.46 -12.12
CA TYR A 161 4.31 -4.33 -12.64
C TYR A 161 3.28 -4.69 -11.57
N SER A 162 3.52 -4.28 -10.33
CA SER A 162 2.58 -4.47 -9.24
C SER A 162 2.12 -3.11 -8.71
N VAL A 163 0.91 -3.09 -8.16
CA VAL A 163 0.30 -1.87 -7.63
C VAL A 163 0.32 -1.96 -6.11
N VAL A 164 1.03 -1.03 -5.48
CA VAL A 164 1.18 -1.01 -4.02
C VAL A 164 0.63 0.31 -3.50
N VAL A 165 -0.35 0.22 -2.60
CA VAL A 165 -0.95 1.38 -1.97
C VAL A 165 -0.82 1.24 -0.46
N GLY A 166 -1.06 2.35 0.24
CA GLY A 166 -1.04 2.31 1.69
C GLY A 166 0.32 1.96 2.23
N ASN A 167 0.34 1.20 3.33
CA ASN A 167 1.58 0.80 3.97
C ASN A 167 1.99 -0.57 3.43
N ASN A 168 2.55 -0.55 2.22
CA ASN A 168 3.06 -1.75 1.54
C ASN A 168 1.97 -2.80 1.34
N VAL A 169 0.76 -2.34 1.01
CA VAL A 169 -0.35 -3.24 0.71
C VAL A 169 -0.35 -3.49 -0.79
N VAL A 170 -0.04 -4.73 -1.18
CA VAL A 170 -0.02 -5.10 -2.59
C VAL A 170 -1.45 -5.31 -3.05
N VAL A 171 -1.90 -4.49 -4.00
CA VAL A 171 -3.27 -4.61 -4.50
C VAL A 171 -3.37 -5.74 -5.51
N LYS A 172 -2.61 -5.65 -6.60
CA LYS A 172 -2.70 -6.59 -7.71
C LYS A 172 -1.50 -6.36 -8.62
N LYS A 173 -1.45 -7.12 -9.71
CA LYS A 173 -0.49 -6.85 -10.75
C LYS A 173 -1.22 -6.34 -11.99
N ARG A 174 -0.49 -5.52 -12.77
CA ARG A 174 -1.13 -4.79 -13.86
C ARG A 174 -1.64 -5.71 -14.95
N PHE A 175 -0.94 -6.81 -15.23
CA PHE A 175 -1.29 -7.70 -16.32
C PHE A 175 -1.09 -9.15 -15.88
N ASP A 176 -1.39 -10.07 -16.79
CA ASP A 176 -1.12 -11.49 -16.58
C ASP A 176 0.38 -11.71 -16.48
N GLU A 177 0.76 -12.75 -15.72
CA GLU A 177 2.17 -13.03 -15.44
C GLU A 177 2.97 -13.23 -16.72
N ASN A 178 2.41 -13.95 -17.69
CA ASN A 178 3.13 -14.21 -18.93
C ASN A 178 3.38 -12.93 -19.71
N LEU A 179 2.40 -12.02 -19.73
CA LEU A 179 2.58 -10.75 -20.42
C LEU A 179 3.55 -9.85 -19.68
N ILE A 180 3.56 -9.91 -18.34
CA ILE A 180 4.58 -9.21 -17.58
C ILE A 180 5.97 -9.73 -17.95
N GLN A 181 6.11 -11.05 -18.07
CA GLN A 181 7.37 -11.61 -18.53
C GLN A 181 7.74 -11.09 -19.91
N THR A 182 6.77 -11.06 -20.82
CA THR A 182 7.01 -10.55 -22.18
C THR A 182 7.56 -9.12 -22.14
N LEU A 183 6.90 -8.25 -21.37
CA LEU A 183 7.39 -6.88 -21.24
C LEU A 183 8.78 -6.84 -20.63
N LEU A 184 9.05 -7.71 -19.65
CA LEU A 184 10.35 -7.71 -18.99
C LEU A 184 11.47 -8.20 -19.90
N VAL A 185 11.14 -8.97 -20.94
CA VAL A 185 12.16 -9.46 -21.87
C VAL A 185 12.35 -8.51 -23.05
N ILE A 186 11.26 -7.94 -23.58
CA ILE A 186 11.41 -7.06 -24.73
C ILE A 186 12.01 -5.72 -24.30
N LYS A 187 11.60 -5.21 -23.14
CA LYS A 187 12.08 -3.94 -22.59
C LYS A 187 11.98 -2.81 -23.62
N TRP A 188 10.78 -2.28 -23.81
CA TRP A 188 10.57 -1.26 -24.84
C TRP A 188 11.30 0.04 -24.50
N TRP A 189 11.52 0.32 -23.21
CA TRP A 189 12.18 1.56 -22.82
C TRP A 189 13.62 1.63 -23.30
N ASP A 190 14.24 0.49 -23.62
CA ASP A 190 15.62 0.46 -24.11
C ASP A 190 15.71 0.58 -25.62
N TRP A 191 14.59 0.56 -26.34
CA TRP A 191 14.60 0.60 -27.78
C TRP A 191 15.17 1.93 -28.28
N PRO A 192 15.68 1.96 -29.51
CA PRO A 192 15.94 3.25 -30.16
C PRO A 192 14.65 4.07 -30.20
N LEU A 193 14.81 5.39 -30.02
CA LEU A 193 13.64 6.26 -29.89
C LEU A 193 12.72 6.18 -31.10
N GLN A 194 13.28 5.88 -32.27
CA GLN A 194 12.46 5.74 -33.47
C GLN A 194 11.45 4.60 -33.30
N HIS A 195 11.91 3.45 -32.81
CA HIS A 195 11.01 2.32 -32.62
C HIS A 195 9.93 2.62 -31.59
N ILE A 196 10.29 3.37 -30.55
CA ILE A 196 9.29 3.81 -29.58
C ILE A 196 8.27 4.71 -30.25
N LYS A 197 8.73 5.61 -31.12
CA LYS A 197 7.82 6.50 -31.84
C LYS A 197 6.85 5.71 -32.70
N ASN A 198 7.34 4.67 -33.40
CA ASN A 198 6.47 3.91 -34.28
C ASN A 198 5.42 3.12 -33.51
N THR A 199 5.79 2.60 -32.34
CA THR A 199 5.01 1.77 -31.44
C THR A 199 4.06 2.58 -30.56
N MSE A 200 3.97 3.89 -30.75
CA MSE A 200 3.24 4.74 -29.82
C MSE A 200 1.77 4.37 -29.73
O MSE A 200 1.17 4.44 -28.66
CB MSE A 200 3.40 6.20 -30.22
CG MSE A 200 3.01 7.19 -29.14
SE MSE A 200 3.87 6.84 -27.44
CE MSE A 200 5.73 6.79 -28.02
N GLU A 201 1.19 3.97 -30.87
CA GLU A 201 -0.20 3.53 -30.87
C GLU A 201 -0.39 2.26 -30.05
N ILE A 202 0.66 1.42 -29.97
CA ILE A 202 0.54 0.17 -29.22
C ILE A 202 0.83 0.41 -27.74
N LEU A 203 1.83 1.23 -27.43
CA LEU A 203 2.13 1.52 -26.03
C LEU A 203 0.96 2.20 -25.34
N CYS A 204 0.25 3.06 -26.06
CA CYS A 204 -0.97 3.69 -25.54
C CYS A 204 -2.17 2.76 -25.59
N SER A 205 -1.96 1.48 -25.29
CA SER A 205 -3.02 0.48 -25.28
C SER A 205 -2.61 -0.64 -24.34
N GLY A 206 -3.45 -1.67 -24.25
CA GLY A 206 -3.11 -2.83 -23.45
C GLY A 206 -2.70 -4.00 -24.30
N HIS A 207 -2.19 -3.71 -25.50
CA HIS A 207 -1.89 -4.74 -26.50
C HIS A 207 -0.42 -5.11 -26.41
N ILE A 208 -0.09 -5.90 -25.38
CA ILE A 208 1.28 -6.38 -25.21
C ILE A 208 1.66 -7.31 -26.37
N GLU A 209 0.69 -8.07 -26.88
CA GLU A 209 0.98 -9.02 -27.95
C GLU A 209 1.46 -8.32 -29.21
N GLU A 210 0.81 -7.21 -29.58
CA GLU A 210 1.26 -6.45 -30.76
C GLU A 210 2.65 -5.90 -30.55
N LEU A 211 2.95 -5.43 -29.34
CA LEU A 211 4.30 -4.94 -29.04
C LEU A 211 5.33 -6.04 -29.19
N GLU A 212 5.02 -7.25 -28.72
CA GLU A 212 5.93 -8.37 -28.87
C GLU A 212 6.13 -8.72 -30.34
N GLN A 213 5.06 -8.66 -31.14
CA GLN A 213 5.19 -8.93 -32.56
C GLN A 213 6.09 -7.89 -33.23
N TYR A 214 5.91 -6.61 -32.88
CA TYR A 214 6.79 -5.57 -33.43
C TYR A 214 8.24 -5.82 -33.03
N PHE A 215 8.48 -6.16 -31.76
CA PHE A 215 9.85 -6.39 -31.30
C PHE A 215 10.48 -7.57 -32.05
N ILE A 216 9.71 -8.63 -32.27
CA ILE A 216 10.23 -9.79 -33.00
C ILE A 216 10.55 -9.42 -34.44
N LYS A 217 9.67 -8.64 -35.07
CA LYS A 217 9.81 -8.36 -36.49
C LYS A 217 10.90 -7.32 -36.77
N ASN A 218 11.08 -6.34 -35.91
CA ASN A 218 11.88 -5.17 -36.24
C ASN A 218 13.04 -4.88 -35.30
N VAL A 219 12.96 -5.27 -34.03
CA VAL A 219 13.94 -4.82 -33.06
C VAL A 219 14.93 -5.93 -32.70
N GLY A 220 14.40 -7.06 -32.22
CA GLY A 220 15.22 -8.15 -31.75
C GLY A 220 16.20 -8.68 -32.78
N ALA B 6 17.65 28.90 10.62
CA ALA B 6 17.07 27.62 11.03
C ALA B 6 18.08 26.49 10.95
N PHE B 7 18.04 25.73 9.85
CA PHE B 7 18.94 24.60 9.64
C PHE B 7 19.72 24.83 8.37
N ASN B 8 21.05 24.81 8.47
CA ASN B 8 21.92 24.92 7.31
C ASN B 8 22.14 23.60 6.59
N SER B 9 21.80 22.48 7.22
CA SER B 9 22.00 21.16 6.64
C SER B 9 21.15 20.16 7.41
N TRP B 10 21.01 18.97 6.84
CA TRP B 10 20.29 17.89 7.52
C TRP B 10 21.18 17.09 8.45
N LEU B 11 22.48 17.37 8.48
CA LEU B 11 23.37 16.86 9.52
C LEU B 11 23.25 17.68 10.81
N GLU B 12 22.31 18.62 10.85
CA GLU B 12 22.13 19.53 11.98
C GLU B 12 21.06 18.99 12.93
N GLY B 13 21.31 19.15 14.23
CA GLY B 13 20.34 18.80 15.23
C GLY B 13 20.28 19.86 16.31
N GLN B 14 19.16 20.58 16.38
CA GLN B 14 18.98 21.71 17.28
C GLN B 14 18.62 21.22 18.68
N ASN B 15 19.40 21.59 19.69
CA ASN B 15 19.04 21.28 21.07
C ASN B 15 17.76 22.01 21.44
N LEU B 16 16.81 21.28 22.04
CA LEU B 16 15.48 21.80 22.27
C LEU B 16 15.39 22.60 23.57
N LYS B 17 15.95 22.09 24.66
CA LYS B 17 15.82 22.76 25.95
C LYS B 17 16.43 24.15 25.93
N GLU B 18 17.44 24.38 25.08
CA GLU B 18 18.05 25.70 25.00
C GLU B 18 17.21 26.67 24.18
N GLN B 19 16.40 26.18 23.25
CA GLN B 19 15.73 27.03 22.28
C GLN B 19 14.26 27.30 22.61
N VAL B 20 13.50 26.29 23.01
CA VAL B 20 12.05 26.45 23.14
C VAL B 20 11.72 27.47 24.23
N LYS B 21 10.71 28.27 23.98
CA LYS B 21 10.33 29.37 24.87
C LYS B 21 8.90 29.29 25.37
N ASN B 22 8.05 28.47 24.76
CA ASN B 22 6.67 28.33 25.22
C ASN B 22 6.68 27.77 26.64
N PRO B 23 6.03 28.46 27.59
CA PRO B 23 5.98 27.94 28.97
C PRO B 23 5.19 26.64 29.08
N ASN B 24 4.69 26.11 27.95
CA ASN B 24 3.91 24.89 27.95
C ASN B 24 4.60 23.75 27.21
N ILE B 25 5.88 23.90 26.87
CA ILE B 25 6.68 22.81 26.30
C ILE B 25 7.78 22.47 27.30
N GLU B 26 7.74 21.26 27.83
CA GLU B 26 8.71 20.79 28.80
C GLU B 26 9.61 19.77 28.11
N VAL B 27 10.89 20.12 27.96
CA VAL B 27 11.84 19.26 27.27
C VAL B 27 12.92 18.83 28.26
N GLY B 28 13.55 17.68 27.96
CA GLY B 28 14.67 17.20 28.72
C GLY B 28 16.00 17.52 28.05
N ASP B 29 17.08 17.08 28.69
CA ASP B 29 18.41 17.37 28.20
C ASP B 29 18.74 16.54 26.96
N TYR B 30 19.52 17.14 26.07
CA TYR B 30 20.10 16.50 24.89
C TYR B 30 19.06 16.15 23.82
N SER B 31 17.78 16.23 24.14
CA SER B 31 16.76 15.96 23.13
C SER B 31 16.83 17.00 22.03
N TYR B 32 16.64 16.54 20.78
CA TYR B 32 16.86 17.40 19.63
C TYR B 32 15.77 17.16 18.58
N TYR B 33 15.62 18.17 17.72
CA TYR B 33 14.74 18.10 16.56
C TYR B 33 15.59 18.40 15.32
N SER B 34 15.62 17.45 14.39
CA SER B 34 16.41 17.57 13.16
C SER B 34 15.45 17.83 12.00
N GLY B 35 14.97 19.06 11.91
CA GLY B 35 13.96 19.42 10.93
C GLY B 35 14.44 20.28 9.78
N PHE B 36 15.50 19.83 9.09
CA PHE B 36 16.03 20.61 7.97
C PHE B 36 15.06 20.60 6.78
N TYR B 37 14.51 19.45 6.45
CA TYR B 37 13.65 19.32 5.28
C TYR B 37 12.25 19.90 5.50
N HIS B 38 11.99 20.50 6.66
CA HIS B 38 10.73 21.18 6.92
C HIS B 38 10.97 22.62 7.40
N SER B 39 12.16 23.11 7.17
CA SER B 39 12.51 24.46 7.41
C SER B 39 12.31 25.11 8.73
N LYS B 40 11.09 25.24 9.19
CA LYS B 40 10.83 25.95 10.41
C LYS B 40 11.33 25.32 11.69
N THR B 41 11.33 26.06 12.77
CA THR B 41 11.89 25.55 14.02
C THR B 41 10.96 24.49 14.61
N PHE B 42 11.30 24.03 15.82
CA PHE B 42 10.51 22.98 16.47
C PHE B 42 9.19 23.51 17.01
N GLU B 43 9.15 24.78 17.41
CA GLU B 43 7.97 25.34 18.06
C GLU B 43 6.93 25.89 17.08
N GLU B 44 7.31 26.10 15.83
CA GLU B 44 6.38 26.63 14.82
C GLU B 44 6.09 25.64 13.71
N GLN B 45 6.64 24.44 13.78
CA GLN B 45 6.38 23.42 12.77
C GLN B 45 6.05 22.06 13.37
N ALA B 46 6.68 21.69 14.48
CA ALA B 46 6.44 20.38 15.08
C ALA B 46 5.35 20.41 16.14
N VAL B 47 5.28 21.46 16.94
CA VAL B 47 4.24 21.62 17.96
C VAL B 47 3.14 22.50 17.38
N ARG B 48 1.94 21.93 17.26
CA ARG B 48 0.85 22.59 16.55
C ARG B 48 -0.33 22.82 17.50
N TYR B 49 -0.93 24.01 17.39
CA TYR B 49 -2.13 24.38 18.12
C TYR B 49 -1.90 24.43 19.63
N LEU B 50 -0.75 24.94 20.05
CA LEU B 50 -0.41 25.06 21.46
C LEU B 50 -0.36 26.54 21.82
N LEU B 51 -1.29 26.96 22.70
CA LEU B 51 -1.30 28.33 23.18
C LEU B 51 0.02 28.66 23.88
N GLY B 52 0.59 29.80 23.56
CA GLY B 52 1.85 30.23 24.16
C GLY B 52 2.96 30.34 23.13
N ASP B 53 2.59 30.48 21.87
CA ASP B 53 3.57 30.60 20.79
C ASP B 53 3.59 32.02 20.22
N ALA B 54 4.33 32.19 19.13
CA ALA B 54 4.44 33.50 18.48
C ALA B 54 3.07 34.00 18.04
N PRO B 55 2.49 33.34 17.05
CA PRO B 55 1.19 33.72 16.54
C PRO B 55 0.08 33.69 17.54
N THR B 56 0.42 33.35 18.77
CA THR B 56 -0.59 33.20 19.80
C THR B 56 -0.21 33.74 21.16
N GLN B 57 1.01 34.19 21.31
CA GLN B 57 1.48 34.78 22.56
C GLN B 57 0.54 35.75 23.28
N GLU B 58 0.12 36.81 22.61
CA GLU B 58 -0.77 37.76 23.28
C GLU B 58 -1.99 37.06 23.87
N VAL B 59 -2.67 36.27 23.04
CA VAL B 59 -3.87 35.55 23.49
C VAL B 59 -3.57 34.71 24.74
N TRP B 60 -2.35 34.20 24.86
CA TRP B 60 -2.01 33.40 26.02
C TRP B 60 -1.74 34.27 27.25
N GLU B 61 -1.16 35.45 27.05
CA GLU B 61 -0.81 36.30 28.18
C GLU B 61 -2.03 36.93 28.82
N SER B 62 -3.10 37.16 28.05
CA SER B 62 -4.32 37.72 28.61
C SER B 62 -5.07 36.73 29.49
N GLY B 63 -4.75 35.44 29.40
CA GLY B 63 -5.42 34.44 30.22
C GLY B 63 -6.86 34.21 29.88
N GLN B 64 -7.23 34.36 28.60
CA GLN B 64 -8.64 34.21 28.21
C GLN B 64 -9.09 32.76 28.31
N PHE B 65 -8.27 31.82 27.85
CA PHE B 65 -8.66 30.42 27.77
C PHE B 65 -8.26 29.60 29.00
N GLY B 66 -7.40 30.13 29.86
CA GLY B 66 -7.06 29.45 31.10
C GLY B 66 -5.94 28.42 30.98
N GLU B 67 -6.11 27.28 31.64
CA GLU B 67 -5.08 26.25 31.64
C GLU B 67 -5.13 25.43 30.36
N VAL B 68 -3.97 24.93 29.95
CA VAL B 68 -3.83 24.26 28.66
C VAL B 68 -3.20 22.89 28.87
N ASP B 69 -3.31 22.06 27.84
CA ASP B 69 -2.60 20.79 27.80
C ASP B 69 -1.18 21.04 27.30
N LYS B 70 -0.19 20.63 28.09
CA LYS B 70 1.20 20.90 27.75
C LYS B 70 1.89 19.66 27.20
N LEU B 71 3.00 19.90 26.51
CA LEU B 71 3.79 18.85 25.90
C LEU B 71 5.05 18.63 26.72
N ARG B 72 5.23 17.40 27.22
CA ARG B 72 6.38 17.04 28.03
C ARG B 72 7.22 16.01 27.29
N ILE B 73 8.50 16.33 27.06
CA ILE B 73 9.43 15.44 26.38
C ILE B 73 10.61 15.20 27.30
N GLY B 74 10.97 13.93 27.49
CA GLY B 74 12.08 13.57 28.35
C GLY B 74 13.43 13.90 27.76
N LYS B 75 14.48 13.23 28.25
CA LYS B 75 15.84 13.45 27.78
C LYS B 75 16.22 12.40 26.74
N PHE B 76 17.27 12.72 25.97
CA PHE B 76 17.87 11.80 25.00
C PHE B 76 16.87 11.37 23.93
N CYS B 77 15.97 12.28 23.57
CA CYS B 77 14.96 12.02 22.55
C CYS B 77 15.43 12.51 21.19
N SER B 78 15.10 11.75 20.15
CA SER B 78 15.46 12.08 18.77
C SER B 78 14.17 12.33 17.98
N ILE B 79 13.91 13.60 17.66
CA ILE B 79 12.72 13.98 16.92
C ILE B 79 13.13 14.34 15.51
N ALA B 80 12.66 13.56 14.54
CA ALA B 80 13.07 13.70 13.14
C ALA B 80 12.24 14.77 12.43
N SER B 81 12.70 15.12 11.23
CA SER B 81 12.09 16.21 10.47
C SER B 81 10.63 15.91 10.16
N GLY B 82 9.77 16.91 10.40
CA GLY B 82 8.36 16.81 10.06
C GLY B 82 7.50 16.15 11.11
N ALA B 83 8.07 15.60 12.18
CA ALA B 83 7.26 15.05 13.25
C ALA B 83 6.35 16.12 13.82
N THR B 84 5.11 15.73 14.13
CA THR B 84 4.07 16.68 14.51
C THR B 84 3.41 16.24 15.81
N PHE B 85 3.36 17.15 16.77
CA PHE B 85 2.67 16.93 18.04
C PHE B 85 1.38 17.74 18.01
N MSE B 86 0.25 17.06 17.82
CA MSE B 86 -1.04 17.73 17.75
C MSE B 86 -1.58 18.03 19.15
O MSE B 86 -1.83 17.12 19.93
CB MSE B 86 -2.04 16.88 16.97
CG MSE B 86 -1.58 16.50 15.58
SE MSE B 86 -1.68 17.97 14.31
CE MSE B 86 -3.61 18.20 14.27
N MSE B 87 -1.74 19.32 19.44
CA MSE B 87 -2.30 19.74 20.72
C MSE B 87 -3.69 20.34 20.53
O MSE B 87 -4.32 20.13 19.49
CB MSE B 87 -1.37 20.73 21.42
CG MSE B 87 -0.89 20.26 22.78
SE MSE B 87 0.22 18.66 22.66
CE MSE B 87 1.66 19.38 21.58
N ALA B 88 -4.15 21.08 21.54
CA ALA B 88 -5.46 21.72 21.60
C ALA B 88 -6.62 20.74 21.61
N GLY B 89 -6.35 19.45 21.84
CA GLY B 89 -7.44 18.50 22.01
C GLY B 89 -8.30 18.36 20.77
N ASN B 90 -9.62 18.41 20.97
CA ASN B 90 -10.57 18.29 19.88
C ASN B 90 -10.81 19.59 19.15
N GLN B 91 -10.26 20.71 19.63
CA GLN B 91 -10.37 22.01 18.99
C GLN B 91 -11.82 22.44 18.78
N GLY B 92 -12.70 22.04 19.70
CA GLY B 92 -14.08 22.45 19.66
C GLY B 92 -15.02 21.51 18.93
N HIS B 93 -14.48 20.56 18.16
CA HIS B 93 -15.33 19.61 17.45
C HIS B 93 -15.71 18.46 18.39
N ARG B 94 -17.01 18.17 18.45
CA ARG B 94 -17.52 17.09 19.29
C ARG B 94 -18.38 16.17 18.42
N ALA B 95 -17.92 14.92 18.26
CA ALA B 95 -18.64 14.00 17.40
C ALA B 95 -19.98 13.60 17.99
N ASP B 96 -20.12 13.62 19.31
CA ASP B 96 -21.37 13.24 19.95
C ASP B 96 -22.45 14.30 19.79
N TRP B 97 -22.11 15.50 19.34
CA TRP B 97 -23.09 16.54 19.11
C TRP B 97 -23.64 16.46 17.69
N ILE B 98 -24.81 17.06 17.48
CA ILE B 98 -25.44 17.01 16.17
C ILE B 98 -24.54 17.63 15.12
N SER B 99 -23.86 18.72 15.46
CA SER B 99 -22.95 19.42 14.57
C SER B 99 -21.53 19.36 15.12
N THR B 100 -20.57 19.11 14.24
CA THR B 100 -19.15 19.24 14.57
C THR B 100 -18.60 20.61 14.22
N PHE B 101 -19.44 21.53 13.78
CA PHE B 101 -18.99 22.85 13.36
C PHE B 101 -18.84 23.76 14.59
N PRO B 102 -17.67 24.37 14.78
CA PRO B 102 -17.49 25.26 15.94
C PRO B 102 -18.13 26.62 15.73
N PHE B 103 -19.41 26.72 16.06
CA PHE B 103 -20.12 27.99 15.91
C PHE B 103 -19.50 29.05 16.82
N SER B 104 -19.57 30.30 16.35
CA SER B 104 -19.02 31.43 17.10
C SER B 104 -20.16 32.26 17.70
N LYS B 105 -19.88 32.86 18.85
CA LYS B 105 -20.87 33.71 19.50
C LYS B 105 -21.11 34.99 18.73
N LYS B 106 -20.13 35.43 17.94
CA LYS B 106 -20.30 36.63 17.13
C LYS B 106 -21.32 36.41 16.02
N GLU B 107 -21.19 35.30 15.30
CA GLU B 107 -22.04 35.03 14.16
C GLU B 107 -23.35 34.33 14.53
N PHE B 108 -23.39 33.62 15.67
CA PHE B 108 -24.56 32.85 16.03
C PHE B 108 -25.11 33.18 17.41
N GLY B 109 -24.63 34.26 18.05
CA GLY B 109 -25.24 34.75 19.26
C GLY B 109 -25.07 33.83 20.46
N GLU B 110 -25.97 34.01 21.43
CA GLU B 110 -25.93 33.22 22.66
C GLU B 110 -26.40 31.80 22.39
N GLY B 111 -26.26 30.96 23.41
CA GLY B 111 -26.60 29.56 23.30
C GLY B 111 -25.52 28.68 22.71
N VAL B 112 -24.42 29.26 22.25
CA VAL B 112 -23.31 28.50 21.68
C VAL B 112 -22.50 27.90 22.82
N LYS B 113 -22.58 26.58 22.99
CA LYS B 113 -21.80 25.89 24.00
C LYS B 113 -20.40 25.62 23.46
N ASP B 114 -19.38 25.94 24.26
CA ASP B 114 -18.00 25.71 23.86
C ASP B 114 -17.73 24.21 23.84
N GLY B 115 -17.57 23.65 22.64
CA GLY B 115 -17.33 22.23 22.50
C GLY B 115 -15.94 21.77 22.86
N PHE B 116 -15.01 22.70 23.09
CA PHE B 116 -13.64 22.32 23.42
C PHE B 116 -13.60 21.53 24.73
N GLN B 117 -12.73 20.53 24.77
CA GLN B 117 -12.46 19.79 26.00
C GLN B 117 -11.05 19.25 25.94
N ARG B 118 -10.30 19.43 27.02
CA ARG B 118 -8.90 19.03 27.04
C ARG B 118 -8.77 17.52 27.03
N ALA B 119 -7.70 17.05 26.36
CA ALA B 119 -7.43 15.63 26.21
C ALA B 119 -6.32 15.13 27.11
N GLY B 120 -5.70 16.01 27.90
CA GLY B 120 -4.59 15.64 28.73
C GLY B 120 -3.24 15.96 28.10
N ASP B 121 -2.23 16.07 28.94
CA ASP B 121 -0.89 16.42 28.47
C ASP B 121 -0.31 15.30 27.62
N THR B 122 0.41 15.68 26.55
CA THR B 122 1.14 14.73 25.73
C THR B 122 2.50 14.52 26.35
N ILE B 123 2.78 13.29 26.80
CA ILE B 123 3.99 12.96 27.54
C ILE B 123 4.83 12.02 26.69
N VAL B 124 6.08 12.42 26.45
CA VAL B 124 7.06 11.59 25.76
C VAL B 124 8.14 11.22 26.76
N GLY B 125 8.45 9.93 26.86
CA GLY B 125 9.44 9.45 27.80
C GLY B 125 10.86 9.80 27.42
N ASN B 126 11.83 9.07 27.97
CA ASN B 126 13.24 9.27 27.67
C ASN B 126 13.71 8.27 26.63
N ASP B 127 14.74 8.66 25.88
CA ASP B 127 15.35 7.81 24.86
C ASP B 127 14.33 7.36 23.82
N VAL B 128 13.49 8.30 23.37
CA VAL B 128 12.43 8.02 22.41
C VAL B 128 12.89 8.49 21.05
N TRP B 129 12.74 7.63 20.04
CA TRP B 129 13.05 7.96 18.66
C TRP B 129 11.76 8.08 17.87
N ILE B 130 11.48 9.28 17.36
CA ILE B 130 10.27 9.55 16.60
C ILE B 130 10.67 9.77 15.14
N GLY B 131 10.08 8.97 14.25
CA GLY B 131 10.45 9.01 12.86
C GLY B 131 9.98 10.26 12.14
N SER B 132 10.51 10.44 10.94
CA SER B 132 10.23 11.65 10.17
C SER B 132 8.77 11.71 9.74
N GLU B 133 8.20 12.90 9.82
CA GLU B 133 6.82 13.19 9.39
C GLU B 133 5.79 12.35 10.15
N ALA B 134 6.14 11.84 11.32
CA ALA B 134 5.17 11.17 12.16
C ALA B 134 4.23 12.20 12.79
N MSE B 135 3.15 11.71 13.38
CA MSE B 135 2.16 12.59 13.99
C MSE B 135 1.54 11.97 15.25
O MSE B 135 0.96 10.89 15.21
CB MSE B 135 1.05 12.93 12.99
CG MSE B 135 0.03 13.90 13.52
SE MSE B 135 -1.46 14.24 12.30
CE MSE B 135 -0.80 15.89 11.47
N ILE B 136 1.69 12.69 16.37
CA ILE B 136 1.21 12.22 17.67
C ILE B 136 -0.12 12.90 17.97
N MSE B 137 -1.11 12.11 18.35
CA MSE B 137 -2.42 12.62 18.70
C MSE B 137 -2.41 13.26 20.10
O MSE B 137 -1.48 13.02 20.87
CB MSE B 137 -3.46 11.49 18.64
CG MSE B 137 -3.97 11.19 17.24
SE MSE B 137 -4.49 12.76 16.22
CE MSE B 137 -2.90 12.99 15.16
N PRO B 138 -3.41 14.09 20.41
CA PRO B 138 -3.43 14.74 21.73
C PRO B 138 -3.62 13.75 22.86
N GLY B 139 -2.93 14.00 23.97
CA GLY B 139 -3.10 13.22 25.17
C GLY B 139 -2.50 11.83 25.15
N VAL B 140 -1.48 11.61 24.33
CA VAL B 140 -0.87 10.30 24.16
C VAL B 140 0.39 10.23 25.00
N HIS B 141 0.56 9.14 25.74
CA HIS B 141 1.78 8.86 26.49
C HIS B 141 2.67 7.94 25.66
N ILE B 142 3.95 8.27 25.58
CA ILE B 142 4.94 7.44 24.90
C ILE B 142 5.99 7.03 25.93
N GLY B 143 6.10 5.72 26.17
CA GLY B 143 6.99 5.22 27.18
C GLY B 143 8.45 5.39 26.83
N ASP B 144 9.30 5.17 27.84
CA ASP B 144 10.74 5.31 27.65
C ASP B 144 11.25 4.28 26.65
N GLY B 145 12.23 4.69 25.84
CA GLY B 145 12.85 3.79 24.89
C GLY B 145 11.99 3.38 23.72
N ALA B 146 10.83 3.99 23.54
CA ALA B 146 9.96 3.64 22.43
C ALA B 146 10.49 4.19 21.12
N ILE B 147 10.07 3.57 20.03
CA ILE B 147 10.48 3.95 18.68
C ILE B 147 9.24 4.17 17.83
N ILE B 148 9.13 5.35 17.23
CA ILE B 148 8.01 5.70 16.37
C ILE B 148 8.52 5.73 14.94
N GLY B 149 7.96 4.87 14.08
CA GLY B 149 8.36 4.84 12.68
C GLY B 149 7.97 6.10 11.94
N ALA B 150 8.56 6.25 10.76
CA ALA B 150 8.25 7.39 9.90
C ALA B 150 6.82 7.29 9.39
N ARG B 151 6.19 8.46 9.25
CA ARG B 151 4.82 8.58 8.75
C ARG B 151 3.80 7.86 9.63
N ALA B 152 4.17 7.56 10.87
CA ALA B 152 3.26 6.87 11.78
C ALA B 152 2.28 7.86 12.40
N VAL B 153 1.07 7.38 12.66
CA VAL B 153 0.03 8.17 13.32
C VAL B 153 -0.32 7.45 14.61
N ILE B 154 0.01 8.08 15.74
CA ILE B 154 -0.12 7.46 17.06
C ILE B 154 -1.38 7.97 17.73
N THR B 155 -2.34 7.07 17.97
CA THR B 155 -3.59 7.41 18.62
C THR B 155 -3.70 6.90 20.05
N LYS B 156 -2.96 5.86 20.41
CA LYS B 156 -3.02 5.25 21.73
C LYS B 156 -1.69 5.42 22.45
N ASN B 157 -1.70 5.11 23.75
CA ASN B 157 -0.47 5.12 24.53
C ASN B 157 0.49 4.06 23.99
N VAL B 158 1.78 4.37 24.05
CA VAL B 158 2.83 3.49 23.56
C VAL B 158 3.59 2.94 24.75
N ALA B 159 3.60 1.61 24.88
CA ALA B 159 4.31 0.96 25.95
C ALA B 159 5.80 1.27 25.86
N PRO B 160 6.52 1.26 26.99
CA PRO B 160 7.96 1.54 26.95
C PRO B 160 8.71 0.49 26.13
N TYR B 161 9.69 0.97 25.35
CA TYR B 161 10.51 0.14 24.48
C TYR B 161 9.70 -0.64 23.45
N SER B 162 8.49 -0.16 23.15
CA SER B 162 7.69 -0.70 22.06
C SER B 162 8.03 0.05 20.77
N VAL B 163 7.88 -0.64 19.65
CA VAL B 163 8.09 -0.13 18.31
C VAL B 163 6.73 -0.07 17.63
N VAL B 164 6.33 1.09 17.12
CA VAL B 164 5.00 1.27 16.54
C VAL B 164 5.18 1.84 15.14
N VAL B 165 4.51 1.23 14.17
CA VAL B 165 4.57 1.59 12.77
C VAL B 165 3.18 2.03 12.31
N GLY B 166 3.14 2.57 11.10
CA GLY B 166 1.89 2.89 10.42
C GLY B 166 0.91 3.62 11.30
N ASN B 167 -0.36 3.23 11.17
CA ASN B 167 -1.45 3.80 11.95
C ASN B 167 -1.62 3.00 13.26
N ASN B 168 -0.63 3.20 14.15
CA ASN B 168 -0.62 2.62 15.49
C ASN B 168 -0.55 1.09 15.45
N VAL B 169 0.32 0.55 14.61
CA VAL B 169 0.57 -0.88 14.54
C VAL B 169 1.81 -1.18 15.38
N VAL B 170 1.65 -1.99 16.41
CA VAL B 170 2.76 -2.34 17.29
C VAL B 170 3.48 -3.55 16.70
N VAL B 171 4.75 -3.36 16.34
CA VAL B 171 5.57 -4.42 15.76
C VAL B 171 6.01 -5.37 16.85
N LYS B 172 6.87 -4.87 17.72
CA LYS B 172 7.54 -5.70 18.71
C LYS B 172 8.04 -4.82 19.85
N LYS B 173 8.63 -5.46 20.84
CA LYS B 173 9.40 -4.78 21.88
C LYS B 173 10.88 -5.01 21.61
N ARG B 174 11.69 -3.99 21.88
CA ARG B 174 13.11 -4.04 21.54
C ARG B 174 13.86 -5.13 22.30
N PHE B 175 13.40 -5.52 23.48
CA PHE B 175 14.10 -6.49 24.30
C PHE B 175 13.10 -7.38 25.03
N ASP B 176 13.62 -8.34 25.78
CA ASP B 176 12.78 -9.18 26.65
C ASP B 176 12.18 -8.34 27.77
N GLU B 177 11.01 -8.80 28.25
CA GLU B 177 10.28 -8.02 29.25
C GLU B 177 11.11 -7.77 30.50
N ASN B 178 11.78 -8.81 31.00
CA ASN B 178 12.65 -8.66 32.16
C ASN B 178 13.66 -7.53 31.94
N LEU B 179 14.49 -7.66 30.90
CA LEU B 179 15.49 -6.63 30.62
C LEU B 179 14.87 -5.26 30.46
N ILE B 180 13.68 -5.19 29.85
CA ILE B 180 12.98 -3.91 29.75
C ILE B 180 12.73 -3.32 31.12
N GLN B 181 12.30 -4.15 32.07
CA GLN B 181 12.05 -3.65 33.42
C GLN B 181 13.35 -3.29 34.14
N THR B 182 14.45 -4.02 33.89
CA THR B 182 15.72 -3.59 34.46
C THR B 182 16.10 -2.21 33.93
N LEU B 183 15.98 -1.98 32.62
CA LEU B 183 16.27 -0.66 32.08
C LEU B 183 15.35 0.40 32.69
N LEU B 184 14.08 0.05 32.92
CA LEU B 184 13.16 1.00 33.53
C LEU B 184 13.49 1.28 35.00
N VAL B 185 14.22 0.39 35.65
CA VAL B 185 14.61 0.61 37.05
C VAL B 185 15.91 1.39 37.15
N ILE B 186 16.91 1.07 36.33
CA ILE B 186 18.21 1.72 36.48
C ILE B 186 18.14 3.17 35.97
N LYS B 187 17.39 3.41 34.90
CA LYS B 187 17.21 4.74 34.31
C LYS B 187 18.56 5.42 34.06
N TRP B 188 19.26 4.91 33.05
CA TRP B 188 20.60 5.43 32.75
C TRP B 188 20.55 6.90 32.36
N TRP B 189 19.43 7.36 31.79
CA TRP B 189 19.33 8.76 31.38
C TRP B 189 19.35 9.71 32.57
N ASP B 190 19.07 9.23 33.78
CA ASP B 190 19.13 10.04 34.99
C ASP B 190 20.50 10.04 35.63
N TRP B 191 21.44 9.23 35.13
CA TRP B 191 22.76 9.13 35.73
C TRP B 191 23.54 10.43 35.54
N PRO B 192 24.52 10.69 36.42
CA PRO B 192 25.45 11.79 36.16
C PRO B 192 26.19 11.59 34.86
N LEU B 193 26.67 12.70 34.28
CA LEU B 193 27.25 12.65 32.94
C LEU B 193 28.46 11.72 32.88
N GLN B 194 29.34 11.80 33.89
CA GLN B 194 30.57 11.00 33.84
C GLN B 194 30.28 9.51 33.81
N HIS B 195 29.22 9.07 34.50
CA HIS B 195 28.84 7.66 34.48
C HIS B 195 28.39 7.23 33.08
N ILE B 196 27.61 8.08 32.40
CA ILE B 196 27.18 7.79 31.04
C ILE B 196 28.39 7.75 30.11
N LYS B 197 29.31 8.70 30.27
CA LYS B 197 30.53 8.71 29.45
C LYS B 197 31.34 7.44 29.65
N ASN B 198 31.39 6.94 30.89
CA ASN B 198 32.13 5.71 31.15
C ASN B 198 31.42 4.50 30.54
N THR B 199 30.10 4.45 30.63
CA THR B 199 29.33 3.31 30.15
C THR B 199 28.85 3.47 28.71
N MSE B 200 29.44 4.41 27.96
CA MSE B 200 29.01 4.63 26.58
C MSE B 200 29.27 3.40 25.70
O MSE B 200 28.50 3.11 24.78
CB MSE B 200 29.73 5.85 26.00
CG MSE B 200 29.23 6.28 24.65
SE MSE B 200 27.28 6.25 24.55
CE MSE B 200 26.88 7.45 26.01
N GLU B 201 30.34 2.67 26.00
CA GLU B 201 30.61 1.43 25.26
C GLU B 201 29.50 0.41 25.48
N ILE B 202 28.97 0.33 26.69
CA ILE B 202 27.85 -0.56 26.97
C ILE B 202 26.57 -0.03 26.33
N LEU B 203 26.39 1.30 26.35
CA LEU B 203 25.19 1.89 25.75
C LEU B 203 25.17 1.70 24.25
N CYS B 204 26.32 1.68 23.60
CA CYS B 204 26.42 1.35 22.18
C CYS B 204 26.45 -0.16 21.93
N SER B 205 25.66 -0.90 22.69
CA SER B 205 25.61 -2.34 22.60
C SER B 205 24.21 -2.81 23.02
N GLY B 206 24.01 -4.12 22.97
CA GLY B 206 22.79 -4.73 23.49
C GLY B 206 22.96 -5.34 24.86
N HIS B 207 24.11 -5.19 25.49
CA HIS B 207 24.42 -5.84 26.77
C HIS B 207 23.78 -5.05 27.90
N ILE B 208 22.53 -5.40 28.21
CA ILE B 208 21.79 -4.69 29.25
C ILE B 208 22.32 -5.05 30.64
N GLU B 209 22.60 -6.34 30.86
CA GLU B 209 23.00 -6.79 32.20
C GLU B 209 24.37 -6.26 32.60
N GLU B 210 25.24 -6.00 31.62
CA GLU B 210 26.48 -5.29 31.92
C GLU B 210 26.20 -3.92 32.50
N LEU B 211 25.28 -3.18 31.86
CA LEU B 211 24.88 -1.87 32.38
C LEU B 211 24.27 -1.99 33.77
N GLU B 212 23.51 -3.07 34.01
CA GLU B 212 22.94 -3.26 35.34
C GLU B 212 24.04 -3.49 36.38
N GLN B 213 25.05 -4.30 36.04
CA GLN B 213 26.14 -4.54 36.97
C GLN B 213 26.91 -3.26 37.27
N TYR B 214 27.20 -2.46 36.23
CA TYR B 214 27.84 -1.18 36.47
C TYR B 214 26.97 -0.29 37.34
N PHE B 215 25.65 -0.35 37.16
CA PHE B 215 24.75 0.45 37.98
C PHE B 215 24.84 0.05 39.45
N ILE B 216 24.72 -1.25 39.72
CA ILE B 216 24.76 -1.73 41.10
C ILE B 216 26.11 -1.44 41.73
N LYS B 217 27.18 -1.50 40.95
CA LYS B 217 28.51 -1.32 41.52
C LYS B 217 28.88 0.15 41.73
N ASN B 218 28.45 1.04 40.84
CA ASN B 218 28.96 2.40 40.79
C ASN B 218 27.91 3.49 41.01
N VAL B 219 26.66 3.26 40.63
CA VAL B 219 25.62 4.29 40.66
C VAL B 219 24.63 4.04 41.80
N GLY B 220 23.90 2.93 41.75
CA GLY B 220 22.91 2.63 42.76
C GLY B 220 23.31 1.54 43.73
N ALA C 6 -1.53 35.30 4.48
CA ALA C 6 -2.77 34.53 4.34
C ALA C 6 -3.39 34.22 5.70
N PHE C 7 -2.62 33.55 6.55
CA PHE C 7 -3.05 33.17 7.89
C PHE C 7 -2.13 33.80 8.92
N ASN C 8 -2.71 34.54 9.86
CA ASN C 8 -1.94 35.17 10.93
C ASN C 8 -1.83 34.32 12.18
N SER C 9 -2.74 33.37 12.37
CA SER C 9 -2.75 32.51 13.55
C SER C 9 -3.51 31.24 13.21
N TRP C 10 -3.38 30.23 14.08
CA TRP C 10 -4.03 28.94 13.86
C TRP C 10 -5.41 28.86 14.51
N LEU C 11 -5.85 29.92 15.20
CA LEU C 11 -7.24 30.05 15.59
C LEU C 11 -8.05 30.84 14.56
N GLU C 12 -7.49 31.07 13.38
CA GLU C 12 -8.13 31.79 12.30
C GLU C 12 -8.71 30.80 11.29
N GLY C 13 -9.85 31.17 10.70
CA GLY C 13 -10.48 30.33 9.70
C GLY C 13 -11.05 31.12 8.54
N GLN C 14 -10.43 30.99 7.38
CA GLN C 14 -10.86 31.72 6.19
C GLN C 14 -12.19 31.16 5.69
N ASN C 15 -13.21 32.01 5.61
CA ASN C 15 -14.48 31.60 5.00
C ASN C 15 -14.25 31.31 3.53
N LEU C 16 -14.73 30.15 3.07
CA LEU C 16 -14.34 29.66 1.75
C LEU C 16 -15.14 30.31 0.62
N LYS C 17 -16.45 30.52 0.82
CA LYS C 17 -17.26 31.04 -0.27
C LYS C 17 -16.97 32.50 -0.57
N GLU C 18 -16.26 33.19 0.32
CA GLU C 18 -15.80 34.55 0.10
C GLU C 18 -14.62 34.60 -0.87
N GLN C 19 -13.65 33.70 -0.66
CA GLN C 19 -12.32 33.90 -1.23
C GLN C 19 -11.90 32.82 -2.22
N VAL C 20 -12.85 32.15 -2.87
CA VAL C 20 -12.52 31.14 -3.88
C VAL C 20 -12.94 31.66 -5.25
N LYS C 21 -11.99 31.71 -6.17
CA LYS C 21 -12.21 32.30 -7.49
C LYS C 21 -12.46 31.27 -8.58
N ASN C 22 -12.17 29.99 -8.35
CA ASN C 22 -12.24 29.00 -9.42
C ASN C 22 -13.70 28.68 -9.74
N PRO C 23 -14.11 28.78 -11.02
CA PRO C 23 -15.49 28.37 -11.37
C PRO C 23 -15.75 26.88 -11.20
N ASN C 24 -14.71 26.08 -11.00
CA ASN C 24 -14.86 24.65 -10.78
C ASN C 24 -14.92 24.27 -9.30
N ILE C 25 -15.02 25.26 -8.41
CA ILE C 25 -15.20 25.02 -6.99
C ILE C 25 -16.52 25.64 -6.56
N GLU C 26 -17.28 24.91 -5.75
CA GLU C 26 -18.57 25.36 -5.25
C GLU C 26 -18.64 24.98 -3.77
N VAL C 27 -18.49 25.97 -2.89
CA VAL C 27 -18.47 25.73 -1.47
C VAL C 27 -19.63 26.46 -0.82
N GLY C 28 -20.29 25.80 0.12
CA GLY C 28 -21.46 26.35 0.78
C GLY C 28 -21.10 27.37 1.84
N ASP C 29 -22.12 27.82 2.55
CA ASP C 29 -21.96 28.90 3.51
C ASP C 29 -21.22 28.42 4.76
N TYR C 30 -20.47 29.35 5.36
CA TYR C 30 -19.81 29.16 6.66
C TYR C 30 -18.69 28.13 6.64
N SER C 31 -18.56 27.37 5.55
CA SER C 31 -17.47 26.43 5.44
C SER C 31 -16.14 27.16 5.41
N TYR C 32 -15.22 26.76 6.28
CA TYR C 32 -13.94 27.44 6.44
C TYR C 32 -12.80 26.45 6.28
N TYR C 33 -11.62 26.99 6.01
CA TYR C 33 -10.37 26.22 5.97
C TYR C 33 -9.36 26.90 6.88
N SER C 34 -8.92 26.20 7.92
CA SER C 34 -7.95 26.72 8.87
C SER C 34 -6.59 26.13 8.55
N GLY C 35 -5.88 26.78 7.61
CA GLY C 35 -4.62 26.26 7.14
C GLY C 35 -3.41 27.10 7.50
N PHE C 36 -3.23 27.37 8.78
CA PHE C 36 -2.12 28.21 9.22
C PHE C 36 -0.78 27.49 9.05
N TYR C 37 -0.71 26.22 9.45
CA TYR C 37 0.53 25.47 9.43
C TYR C 37 0.95 25.02 8.04
N HIS C 38 0.26 25.47 6.99
CA HIS C 38 0.67 25.21 5.62
C HIS C 38 0.68 26.49 4.79
N SER C 39 0.56 27.66 5.43
CA SER C 39 0.81 28.97 4.84
C SER C 39 -0.22 29.37 3.79
N LYS C 40 -0.19 28.73 2.62
CA LYS C 40 -0.92 29.22 1.47
C LYS C 40 -2.42 29.01 1.64
N THR C 41 -3.18 29.59 0.71
CA THR C 41 -4.63 29.62 0.80
C THR C 41 -5.23 28.27 0.40
N PHE C 42 -6.56 28.20 0.47
CA PHE C 42 -7.27 26.97 0.16
C PHE C 42 -7.07 26.56 -1.29
N GLU C 43 -7.24 27.52 -2.21
CA GLU C 43 -7.10 27.22 -3.63
C GLU C 43 -5.65 26.95 -4.04
N GLU C 44 -4.69 27.39 -3.24
CA GLU C 44 -3.28 27.22 -3.58
C GLU C 44 -2.69 25.92 -3.06
N GLN C 45 -3.12 25.47 -1.88
CA GLN C 45 -2.55 24.29 -1.23
C GLN C 45 -3.50 23.10 -1.16
N ALA C 46 -4.74 23.33 -0.74
CA ALA C 46 -5.65 22.21 -0.47
C ALA C 46 -6.14 21.58 -1.76
N VAL C 47 -6.62 22.39 -2.69
CA VAL C 47 -7.13 21.91 -3.97
C VAL C 47 -5.97 21.81 -4.95
N ARG C 48 -5.73 20.62 -5.48
CA ARG C 48 -4.56 20.36 -6.30
C ARG C 48 -4.97 19.79 -7.65
N TYR C 49 -4.29 20.25 -8.70
CA TYR C 49 -4.49 19.77 -10.07
C TYR C 49 -5.90 20.10 -10.58
N LEU C 50 -6.52 21.14 -10.04
CA LEU C 50 -7.82 21.59 -10.52
C LEU C 50 -7.62 22.66 -11.59
N LEU C 51 -8.02 22.34 -12.81
CA LEU C 51 -7.94 23.28 -13.92
C LEU C 51 -8.79 24.51 -13.61
N GLY C 52 -8.22 25.68 -13.79
CA GLY C 52 -8.89 26.94 -13.49
C GLY C 52 -8.23 27.76 -12.41
N ASP C 53 -7.28 27.21 -11.67
CA ASP C 53 -6.52 27.99 -10.72
C ASP C 53 -5.62 28.98 -11.46
N ALA C 54 -4.92 29.81 -10.68
CA ALA C 54 -4.04 30.81 -11.29
C ALA C 54 -2.97 30.21 -12.19
N PRO C 55 -2.13 29.27 -11.73
CA PRO C 55 -1.00 28.84 -12.57
C PRO C 55 -1.41 28.25 -13.91
N THR C 56 -2.66 27.80 -14.06
CA THR C 56 -3.13 27.24 -15.32
C THR C 56 -4.20 28.08 -16.00
N GLN C 57 -4.52 29.27 -15.45
CA GLN C 57 -5.66 30.05 -15.95
C GLN C 57 -5.59 30.25 -17.45
N GLU C 58 -4.52 30.91 -17.93
CA GLU C 58 -4.40 31.21 -19.35
C GLU C 58 -4.39 29.95 -20.21
N VAL C 59 -3.98 28.81 -19.64
CA VAL C 59 -4.02 27.58 -20.42
C VAL C 59 -5.43 26.99 -20.40
N TRP C 60 -6.13 27.12 -19.28
CA TRP C 60 -7.47 26.55 -19.17
C TRP C 60 -8.50 27.39 -19.89
N GLU C 61 -8.33 28.72 -19.90
CA GLU C 61 -9.24 29.57 -20.65
C GLU C 61 -9.17 29.32 -22.15
N SER C 62 -8.08 28.71 -22.62
CA SER C 62 -7.95 28.38 -24.04
C SER C 62 -8.97 27.34 -24.49
N GLY C 63 -9.53 26.58 -23.56
CA GLY C 63 -10.49 25.54 -23.92
C GLY C 63 -9.89 24.35 -24.64
N GLN C 64 -8.56 24.21 -24.66
CA GLN C 64 -7.94 23.08 -25.33
C GLN C 64 -8.22 21.78 -24.59
N PHE C 65 -8.31 21.82 -23.27
CA PHE C 65 -8.69 20.65 -22.51
C PHE C 65 -10.21 20.49 -22.51
N GLY C 66 -10.66 19.26 -22.28
CA GLY C 66 -12.08 18.98 -22.19
C GLY C 66 -12.66 19.42 -20.86
N GLU C 67 -13.89 18.99 -20.63
CA GLU C 67 -14.52 19.25 -19.33
C GLU C 67 -13.81 18.45 -18.25
N VAL C 68 -13.61 19.08 -17.09
CA VAL C 68 -12.92 18.46 -15.97
C VAL C 68 -13.86 18.35 -14.79
N ASP C 69 -13.50 17.49 -13.85
CA ASP C 69 -14.31 17.30 -12.65
C ASP C 69 -14.20 18.51 -11.73
N LYS C 70 -15.32 18.87 -11.13
CA LYS C 70 -15.40 20.03 -10.25
C LYS C 70 -15.42 19.59 -8.78
N LEU C 71 -15.20 20.56 -7.90
CA LEU C 71 -15.19 20.34 -6.46
C LEU C 71 -16.36 21.08 -5.83
N ARG C 72 -17.27 20.34 -5.22
CA ARG C 72 -18.41 20.93 -4.53
C ARG C 72 -18.37 20.54 -3.07
N ILE C 73 -18.43 21.54 -2.19
CA ILE C 73 -18.44 21.34 -0.75
C ILE C 73 -19.70 21.98 -0.18
N GLY C 74 -20.35 21.27 0.73
CA GLY C 74 -21.55 21.79 1.37
C GLY C 74 -21.30 22.94 2.32
N LYS C 75 -22.19 23.11 3.30
CA LYS C 75 -22.12 24.20 4.26
C LYS C 75 -21.75 23.68 5.64
N PHE C 76 -21.19 24.59 6.46
CA PHE C 76 -20.76 24.28 7.82
C PHE C 76 -19.74 23.15 7.85
N CYS C 77 -18.88 23.11 6.85
CA CYS C 77 -17.79 22.15 6.79
C CYS C 77 -16.56 22.72 7.48
N SER C 78 -15.84 21.87 8.21
CA SER C 78 -14.63 22.25 8.93
C SER C 78 -13.46 21.51 8.32
N ILE C 79 -12.63 22.22 7.55
CA ILE C 79 -11.49 21.64 6.86
C ILE C 79 -10.23 22.09 7.60
N ALA C 80 -9.54 21.13 8.23
CA ALA C 80 -8.36 21.44 9.02
C ALA C 80 -7.15 21.68 8.13
N SER C 81 -6.03 22.04 8.75
CA SER C 81 -4.83 22.42 8.01
C SER C 81 -4.24 21.23 7.27
N GLY C 82 -3.85 21.45 6.02
CA GLY C 82 -3.18 20.43 5.25
C GLY C 82 -4.09 19.44 4.56
N ALA C 83 -5.40 19.51 4.78
CA ALA C 83 -6.33 18.65 4.04
C ALA C 83 -6.20 18.91 2.55
N THR C 84 -6.36 17.86 1.76
CA THR C 84 -6.05 17.91 0.33
C THR C 84 -7.15 17.25 -0.46
N PHE C 85 -7.50 17.87 -1.59
CA PHE C 85 -8.51 17.35 -2.51
C PHE C 85 -7.84 17.10 -3.86
N MSE C 86 -7.45 15.86 -4.10
CA MSE C 86 -6.81 15.47 -5.36
C MSE C 86 -7.78 15.56 -6.53
O MSE C 86 -8.85 14.94 -6.50
CB MSE C 86 -6.21 14.07 -5.26
CG MSE C 86 -5.10 13.89 -4.22
SE MSE C 86 -3.83 15.37 -4.18
CE MSE C 86 -2.36 14.52 -5.15
N MSE C 87 -7.42 16.32 -7.55
CA MSE C 87 -8.29 16.38 -8.72
C MSE C 87 -7.56 15.90 -9.97
O MSE C 87 -6.52 15.25 -9.88
CB MSE C 87 -8.80 17.81 -8.93
CG MSE C 87 -9.64 18.32 -7.77
SE MSE C 87 -11.15 17.14 -7.44
CE MSE C 87 -11.92 18.03 -5.91
N ALA C 88 -8.10 16.25 -11.14
CA ALA C 88 -7.55 15.88 -12.44
C ALA C 88 -7.58 14.37 -12.71
N GLY C 89 -8.33 13.62 -11.91
CA GLY C 89 -8.49 12.19 -12.17
C GLY C 89 -7.17 11.45 -12.19
N ASN C 90 -6.95 10.66 -13.24
CA ASN C 90 -5.73 9.88 -13.37
C ASN C 90 -4.57 10.69 -13.95
N GLN C 91 -4.81 11.93 -14.37
CA GLN C 91 -3.76 12.81 -14.87
C GLN C 91 -3.02 12.21 -16.07
N GLY C 92 -3.72 11.42 -16.88
CA GLY C 92 -3.13 10.82 -18.05
C GLY C 92 -2.45 9.49 -17.82
N HIS C 93 -2.18 9.12 -16.57
CA HIS C 93 -1.56 7.84 -16.27
C HIS C 93 -2.61 6.73 -16.36
N ARG C 94 -2.33 5.72 -17.17
CA ARG C 94 -3.25 4.60 -17.41
C ARG C 94 -2.60 3.31 -16.94
N ALA C 95 -3.09 2.77 -15.82
CA ALA C 95 -2.56 1.51 -15.31
C ALA C 95 -2.85 0.35 -16.24
N ASP C 96 -3.95 0.43 -17.00
CA ASP C 96 -4.31 -0.62 -17.93
C ASP C 96 -3.57 -0.55 -19.26
N TRP C 97 -2.79 0.50 -19.49
CA TRP C 97 -1.99 0.60 -20.69
C TRP C 97 -0.60 0.03 -20.46
N ILE C 98 0.10 -0.23 -21.57
CA ILE C 98 1.44 -0.83 -21.48
C ILE C 98 2.37 0.06 -20.68
N SER C 99 2.29 1.38 -20.87
CA SER C 99 3.10 2.34 -20.16
C SER C 99 2.21 3.37 -19.49
N THR C 100 2.54 3.70 -18.24
CA THR C 100 1.84 4.75 -17.52
C THR C 100 2.46 6.12 -17.75
N PHE C 101 3.50 6.21 -18.55
CA PHE C 101 4.18 7.48 -18.77
C PHE C 101 3.36 8.35 -19.73
N PRO C 102 3.14 9.63 -19.40
CA PRO C 102 2.38 10.49 -20.30
C PRO C 102 3.25 11.06 -21.41
N PHE C 103 3.38 10.32 -22.51
CA PHE C 103 4.18 10.78 -23.63
C PHE C 103 3.60 12.07 -24.21
N SER C 104 4.48 12.98 -24.62
CA SER C 104 4.06 14.23 -25.23
C SER C 104 4.06 14.11 -26.75
N LYS C 105 3.09 14.77 -27.39
CA LYS C 105 2.98 14.70 -28.84
C LYS C 105 4.19 15.30 -29.53
N LYS C 106 4.78 16.35 -28.95
CA LYS C 106 5.91 17.01 -29.59
C LYS C 106 7.14 16.11 -29.63
N GLU C 107 7.29 15.23 -28.64
CA GLU C 107 8.50 14.41 -28.54
C GLU C 107 8.36 13.05 -29.21
N PHE C 108 7.15 12.49 -29.24
CA PHE C 108 6.97 11.10 -29.68
C PHE C 108 6.01 10.97 -30.87
N GLY C 109 5.67 12.06 -31.53
CA GLY C 109 4.90 11.99 -32.77
C GLY C 109 3.40 12.03 -32.56
N GLU C 110 2.69 12.05 -33.69
CA GLU C 110 1.24 12.15 -33.66
C GLU C 110 0.55 10.88 -33.19
N GLY C 111 1.27 9.75 -33.11
CA GLY C 111 0.69 8.52 -32.64
C GLY C 111 0.39 8.47 -31.15
N VAL C 112 0.60 9.56 -30.43
CA VAL C 112 0.35 9.59 -29.00
C VAL C 112 -1.16 9.66 -28.75
N LYS C 113 -1.67 8.72 -27.96
CA LYS C 113 -3.05 8.70 -27.52
C LYS C 113 -3.15 9.29 -26.12
N ASP C 114 -4.11 10.18 -25.91
CA ASP C 114 -4.27 10.84 -24.62
C ASP C 114 -4.92 9.88 -23.63
N GLY C 115 -4.26 9.66 -22.50
CA GLY C 115 -4.73 8.70 -21.51
C GLY C 115 -5.59 9.27 -20.41
N PHE C 116 -5.81 10.58 -20.37
CA PHE C 116 -6.59 11.14 -19.28
C PHE C 116 -8.03 10.65 -19.35
N GLN C 117 -8.59 10.37 -18.18
CA GLN C 117 -9.99 10.00 -18.05
C GLN C 117 -10.55 10.60 -16.77
N ARG C 118 -11.74 11.17 -16.85
CA ARG C 118 -12.35 11.82 -15.70
C ARG C 118 -12.74 10.78 -14.65
N ALA C 119 -12.80 11.24 -13.40
CA ALA C 119 -13.21 10.40 -12.29
C ALA C 119 -14.58 10.77 -11.74
N GLY C 120 -15.15 11.88 -12.17
CA GLY C 120 -16.38 12.38 -11.59
C GLY C 120 -16.11 13.45 -10.54
N ASP C 121 -17.10 14.32 -10.34
CA ASP C 121 -16.95 15.38 -9.34
C ASP C 121 -16.83 14.78 -7.95
N THR C 122 -15.84 15.25 -7.20
CA THR C 122 -15.73 14.92 -5.79
C THR C 122 -16.63 15.87 -5.00
N ILE C 123 -17.61 15.31 -4.30
CA ILE C 123 -18.65 16.09 -3.63
C ILE C 123 -18.56 15.83 -2.13
N VAL C 124 -18.49 16.91 -1.36
CA VAL C 124 -18.46 16.86 0.10
C VAL C 124 -19.80 17.38 0.61
N GLY C 125 -20.40 16.65 1.56
CA GLY C 125 -21.69 17.02 2.09
C GLY C 125 -21.67 18.22 3.01
N ASN C 126 -22.62 18.27 3.94
CA ASN C 126 -22.75 19.38 4.87
C ASN C 126 -22.40 18.92 6.29
N ASP C 127 -21.89 19.85 7.09
CA ASP C 127 -21.40 19.56 8.43
C ASP C 127 -20.38 18.42 8.39
N VAL C 128 -19.40 18.56 7.50
CA VAL C 128 -18.36 17.55 7.32
C VAL C 128 -17.07 18.08 7.93
N TRP C 129 -16.49 17.31 8.84
CA TRP C 129 -15.23 17.64 9.49
C TRP C 129 -14.12 16.82 8.85
N ILE C 130 -13.16 17.51 8.24
CA ILE C 130 -12.05 16.86 7.55
C ILE C 130 -10.78 17.18 8.33
N GLY C 131 -10.17 16.13 8.88
CA GLY C 131 -9.03 16.29 9.76
C GLY C 131 -7.81 16.84 9.05
N SER C 132 -6.77 17.09 9.86
CA SER C 132 -5.57 17.72 9.35
C SER C 132 -4.77 16.78 8.47
N GLU C 133 -4.30 17.31 7.34
CA GLU C 133 -3.43 16.58 6.40
C GLU C 133 -4.08 15.30 5.90
N ALA C 134 -5.41 15.31 5.78
CA ALA C 134 -6.10 14.22 5.11
C ALA C 134 -6.12 14.47 3.61
N MSE C 135 -6.26 13.40 2.84
CA MSE C 135 -6.17 13.51 1.39
C MSE C 135 -7.32 12.74 0.74
O MSE C 135 -7.51 11.55 0.98
CB MSE C 135 -4.82 13.00 0.91
CG MSE C 135 -4.77 12.56 -0.54
SE MSE C 135 -3.33 11.32 -0.95
CE MSE C 135 -2.05 12.50 -1.80
N ILE C 136 -8.15 13.43 -0.04
CA ILE C 136 -9.32 12.84 -0.69
C ILE C 136 -8.99 12.63 -2.17
N MSE C 137 -9.11 11.38 -2.62
CA MSE C 137 -8.84 11.02 -4.01
C MSE C 137 -9.97 11.43 -4.96
O MSE C 137 -11.09 11.70 -4.50
CB MSE C 137 -8.58 9.51 -4.12
CG MSE C 137 -7.57 8.98 -3.10
SE MSE C 137 -6.10 10.22 -2.71
CE MSE C 137 -4.99 9.99 -4.29
N PRO C 138 -9.70 11.52 -6.27
CA PRO C 138 -10.74 11.97 -7.20
C PRO C 138 -11.95 11.05 -7.21
N GLY C 139 -13.10 11.65 -7.55
CA GLY C 139 -14.34 10.92 -7.71
C GLY C 139 -15.04 10.52 -6.43
N VAL C 140 -14.60 11.04 -5.29
CA VAL C 140 -15.10 10.58 -4.00
C VAL C 140 -16.24 11.48 -3.53
N HIS C 141 -17.35 10.86 -3.13
CA HIS C 141 -18.45 11.56 -2.48
C HIS C 141 -18.38 11.32 -0.99
N ILE C 142 -18.58 12.38 -0.21
CA ILE C 142 -18.56 12.31 1.25
C ILE C 142 -19.93 12.73 1.76
N GLY C 143 -20.57 11.84 2.52
CA GLY C 143 -21.93 12.09 2.96
C GLY C 143 -22.02 13.18 4.02
N ASP C 144 -23.25 13.67 4.22
CA ASP C 144 -23.49 14.71 5.20
C ASP C 144 -23.14 14.23 6.60
N GLY C 145 -22.56 15.12 7.40
CA GLY C 145 -22.26 14.82 8.79
C GLY C 145 -21.10 13.87 9.01
N ALA C 146 -20.34 13.53 7.98
CA ALA C 146 -19.25 12.59 8.12
C ALA C 146 -18.03 13.26 8.75
N ILE C 147 -17.16 12.43 9.33
CA ILE C 147 -15.91 12.88 9.93
C ILE C 147 -14.77 12.11 9.27
N ILE C 148 -13.78 12.84 8.76
CA ILE C 148 -12.57 12.26 8.19
C ILE C 148 -11.44 12.51 9.16
N GLY C 149 -10.81 11.43 9.63
CA GLY C 149 -9.72 11.57 10.57
C GLY C 149 -8.50 12.25 9.97
N ALA C 150 -7.61 12.68 10.85
CA ALA C 150 -6.38 13.33 10.40
C ALA C 150 -5.48 12.32 9.69
N ARG C 151 -4.78 12.80 8.67
CA ARG C 151 -3.86 12.01 7.86
C ARG C 151 -4.55 10.82 7.18
N ALA C 152 -5.88 10.86 7.09
CA ALA C 152 -6.62 9.78 6.43
C ALA C 152 -6.56 9.92 4.92
N VAL C 153 -6.54 8.79 4.24
CA VAL C 153 -6.56 8.74 2.78
C VAL C 153 -7.89 8.12 2.37
N ILE C 154 -8.76 8.93 1.77
CA ILE C 154 -10.10 8.51 1.42
C ILE C 154 -10.13 8.19 -0.07
N THR C 155 -10.35 6.91 -0.40
CA THR C 155 -10.39 6.47 -1.78
C THR C 155 -11.76 6.00 -2.23
N LYS C 156 -12.68 5.73 -1.31
CA LYS C 156 -14.03 5.29 -1.64
C LYS C 156 -15.04 6.27 -1.03
N ASN C 157 -16.29 6.13 -1.46
CA ASN C 157 -17.34 7.04 -0.99
C ASN C 157 -17.63 6.80 0.48
N VAL C 158 -17.91 7.89 1.19
CA VAL C 158 -18.11 7.86 2.64
C VAL C 158 -19.60 8.02 2.93
N ALA C 159 -20.15 7.09 3.71
CA ALA C 159 -21.55 7.14 4.08
C ALA C 159 -21.83 8.33 5.00
N PRO C 160 -23.05 8.85 5.00
CA PRO C 160 -23.35 10.01 5.85
C PRO C 160 -23.18 9.70 7.33
N TYR C 161 -22.61 10.67 8.05
CA TYR C 161 -22.45 10.61 9.51
C TYR C 161 -21.59 9.42 9.94
N SER C 162 -20.71 8.95 9.07
CA SER C 162 -19.75 7.92 9.43
C SER C 162 -18.40 8.54 9.76
N VAL C 163 -17.60 7.81 10.52
CA VAL C 163 -16.28 8.26 10.96
C VAL C 163 -15.24 7.37 10.30
N VAL C 164 -14.40 7.97 9.45
CA VAL C 164 -13.41 7.23 8.69
C VAL C 164 -12.02 7.71 9.08
N VAL C 165 -11.15 6.76 9.44
CA VAL C 165 -9.79 7.06 9.84
C VAL C 165 -8.83 6.22 9.00
N GLY C 166 -7.56 6.63 9.03
CA GLY C 166 -6.51 5.87 8.38
C GLY C 166 -6.76 5.71 6.89
N ASN C 167 -6.43 4.53 6.37
CA ASN C 167 -6.62 4.25 4.95
C ASN C 167 -8.04 3.76 4.72
N ASN C 168 -8.97 4.70 4.89
CA ASN C 168 -10.40 4.47 4.72
C ASN C 168 -10.91 3.33 5.61
N VAL C 169 -10.46 3.28 6.86
CA VAL C 169 -11.02 2.35 7.84
C VAL C 169 -12.25 3.02 8.45
N VAL C 170 -13.40 2.37 8.32
CA VAL C 170 -14.66 2.92 8.83
C VAL C 170 -14.80 2.48 10.28
N VAL C 171 -14.66 3.43 11.21
CA VAL C 171 -14.71 3.11 12.62
C VAL C 171 -16.13 2.85 13.07
N LYS C 172 -17.00 3.85 12.95
CA LYS C 172 -18.36 3.75 13.45
C LYS C 172 -19.21 4.79 12.75
N LYS C 173 -20.48 4.89 13.16
CA LYS C 173 -21.37 5.95 12.75
C LYS C 173 -21.73 6.78 13.97
N ARG C 174 -21.90 8.09 13.75
CA ARG C 174 -22.04 9.02 14.87
C ARG C 174 -23.29 8.76 15.69
N PHE C 175 -24.36 8.29 15.06
CA PHE C 175 -25.63 8.09 15.75
C PHE C 175 -26.31 6.83 15.24
N ASP C 176 -27.44 6.51 15.86
CA ASP C 176 -28.30 5.46 15.34
C ASP C 176 -28.80 5.82 13.94
N GLU C 177 -29.09 4.79 13.14
CA GLU C 177 -29.48 5.04 11.76
C GLU C 177 -30.82 5.74 11.66
N ASN C 178 -31.74 5.49 12.60
CA ASN C 178 -33.01 6.20 12.60
C ASN C 178 -32.79 7.71 12.77
N LEU C 179 -31.98 8.09 13.76
CA LEU C 179 -31.73 9.51 14.00
C LEU C 179 -30.95 10.14 12.87
N ILE C 180 -30.08 9.38 12.20
CA ILE C 180 -29.35 9.90 11.05
C ILE C 180 -30.31 10.12 9.89
N GLN C 181 -31.31 9.24 9.73
CA GLN C 181 -32.38 9.51 8.77
C GLN C 181 -33.11 10.80 9.12
N THR C 182 -33.40 11.00 10.41
CA THR C 182 -34.03 12.25 10.85
C THR C 182 -33.20 13.46 10.42
N LEU C 183 -31.91 13.46 10.76
CA LEU C 183 -31.04 14.57 10.37
C LEU C 183 -30.98 14.73 8.86
N LEU C 184 -31.06 13.63 8.12
CA LEU C 184 -30.97 13.70 6.66
C LEU C 184 -32.25 14.25 6.04
N VAL C 185 -33.39 14.13 6.71
CA VAL C 185 -34.59 14.68 6.11
C VAL C 185 -34.90 16.09 6.62
N ILE C 186 -34.45 16.46 7.82
CA ILE C 186 -34.72 17.83 8.28
C ILE C 186 -33.71 18.81 7.69
N LYS C 187 -32.46 18.38 7.51
CA LYS C 187 -31.41 19.20 6.91
C LYS C 187 -31.32 20.58 7.55
N TRP C 188 -30.75 20.61 8.76
CA TRP C 188 -30.65 21.86 9.51
C TRP C 188 -29.75 22.87 8.82
N TRP C 189 -28.84 22.42 7.95
CA TRP C 189 -27.92 23.34 7.29
C TRP C 189 -28.60 24.21 6.25
N ASP C 190 -29.75 23.78 5.73
CA ASP C 190 -30.51 24.55 4.75
C ASP C 190 -31.51 25.50 5.39
N TRP C 191 -31.65 25.46 6.72
CA TRP C 191 -32.63 26.30 7.40
C TRP C 191 -32.23 27.77 7.30
N PRO C 192 -33.20 28.67 7.46
CA PRO C 192 -32.86 30.08 7.65
C PRO C 192 -31.99 30.27 8.89
N LEU C 193 -31.26 31.38 8.91
CA LEU C 193 -30.24 31.60 9.93
C LEU C 193 -30.85 31.69 11.32
N GLN C 194 -31.98 32.39 11.46
CA GLN C 194 -32.54 32.61 12.78
C GLN C 194 -33.02 31.31 13.42
N HIS C 195 -33.50 30.35 12.63
CA HIS C 195 -33.88 29.06 13.19
C HIS C 195 -32.67 28.34 13.76
N ILE C 196 -31.53 28.42 13.06
CA ILE C 196 -30.29 27.83 13.57
C ILE C 196 -29.88 28.52 14.87
N LYS C 197 -29.96 29.85 14.91
CA LYS C 197 -29.65 30.57 16.14
C LYS C 197 -30.60 30.19 17.27
N ASN C 198 -31.85 29.86 16.95
CA ASN C 198 -32.80 29.46 17.97
C ASN C 198 -32.50 28.05 18.48
N THR C 199 -32.05 27.17 17.60
CA THR C 199 -31.79 25.78 17.95
C THR C 199 -30.33 25.50 18.29
N MSE C 200 -29.52 26.54 18.47
CA MSE C 200 -28.09 26.37 18.75
C MSE C 200 -27.83 25.45 19.95
O MSE C 200 -26.93 24.61 19.90
CB MSE C 200 -27.46 27.74 19.01
CG MSE C 200 -25.95 27.71 19.11
SE MSE C 200 -25.13 26.74 17.64
CE MSE C 200 -25.90 27.74 16.15
N GLU C 201 -28.62 25.61 21.00
CA GLU C 201 -28.31 24.82 22.18
C GLU C 201 -28.69 23.36 22.00
N ILE C 202 -29.65 23.04 21.12
CA ILE C 202 -29.87 21.64 20.81
C ILE C 202 -28.80 21.12 19.85
N LEU C 203 -28.36 21.96 18.91
CA LEU C 203 -27.31 21.53 17.99
C LEU C 203 -26.01 21.23 18.71
N CYS C 204 -25.73 21.94 19.81
CA CYS C 204 -24.64 21.60 20.72
C CYS C 204 -25.05 20.55 21.73
N SER C 205 -25.81 19.56 21.29
CA SER C 205 -26.25 18.46 22.15
C SER C 205 -26.38 17.20 21.31
N GLY C 206 -26.79 16.12 21.96
CA GLY C 206 -27.07 14.87 21.29
C GLY C 206 -28.55 14.59 21.10
N HIS C 207 -29.42 15.50 21.55
CA HIS C 207 -30.86 15.31 21.49
C HIS C 207 -31.34 15.67 20.09
N ILE C 208 -31.40 14.66 19.22
CA ILE C 208 -31.77 14.89 17.83
C ILE C 208 -33.28 15.10 17.70
N GLU C 209 -34.06 14.31 18.43
CA GLU C 209 -35.52 14.37 18.27
C GLU C 209 -36.11 15.66 18.81
N GLU C 210 -35.44 16.35 19.74
CA GLU C 210 -35.85 17.69 20.11
C GLU C 210 -35.75 18.63 18.91
N LEU C 211 -34.60 18.60 18.23
CA LEU C 211 -34.42 19.39 17.02
C LEU C 211 -35.45 19.01 15.96
N GLU C 212 -35.79 17.73 15.88
CA GLU C 212 -36.80 17.34 14.90
C GLU C 212 -38.18 17.87 15.29
N GLN C 213 -38.49 17.94 16.59
CA GLN C 213 -39.72 18.59 17.00
C GLN C 213 -39.72 20.07 16.62
N TYR C 214 -38.57 20.72 16.75
CA TYR C 214 -38.47 22.11 16.27
C TYR C 214 -38.76 22.20 14.78
N PHE C 215 -38.16 21.30 13.99
CA PHE C 215 -38.41 21.32 12.54
C PHE C 215 -39.90 21.10 12.25
N ILE C 216 -40.53 20.20 13.00
CA ILE C 216 -41.94 19.89 12.77
C ILE C 216 -42.81 21.10 13.07
N LYS C 217 -42.53 21.81 14.17
CA LYS C 217 -43.45 22.83 14.63
C LYS C 217 -43.13 24.23 14.12
N ASN C 218 -41.91 24.47 13.63
CA ASN C 218 -41.50 25.79 13.17
C ASN C 218 -41.14 25.86 11.69
N VAL C 219 -40.33 24.92 11.19
CA VAL C 219 -39.76 25.05 9.85
C VAL C 219 -40.70 24.50 8.79
N GLY C 220 -41.16 23.26 8.95
CA GLY C 220 -42.05 22.64 7.98
C GLY C 220 -41.54 21.32 7.46
N MSE D 4 17.23 -49.99 -21.53
CA MSE D 4 17.42 -48.57 -21.74
C MSE D 4 16.35 -47.75 -21.01
O MSE D 4 15.26 -48.24 -20.72
CB MSE D 4 17.40 -48.24 -23.23
CG MSE D 4 17.91 -46.84 -23.57
SE MSE D 4 19.85 -46.74 -23.55
CE MSE D 4 20.13 -45.95 -25.30
N GLU D 5 16.68 -46.49 -20.69
CA GLU D 5 15.70 -45.59 -20.10
C GLU D 5 14.74 -45.10 -21.17
N ALA D 6 13.55 -44.68 -20.72
CA ALA D 6 12.44 -44.44 -21.64
C ALA D 6 12.61 -43.14 -22.43
N PHE D 7 13.33 -42.17 -21.87
CA PHE D 7 13.43 -40.85 -22.47
C PHE D 7 14.88 -40.50 -22.76
N ASN D 8 15.11 -39.90 -23.93
CA ASN D 8 16.45 -39.41 -24.28
C ASN D 8 16.69 -38.00 -23.75
N SER D 9 15.64 -37.21 -23.62
CA SER D 9 15.78 -35.79 -23.33
C SER D 9 14.51 -35.31 -22.63
N TRP D 10 14.62 -34.19 -21.94
CA TRP D 10 13.44 -33.57 -21.36
C TRP D 10 12.68 -32.73 -22.38
N LEU D 11 13.20 -32.59 -23.59
CA LEU D 11 12.43 -32.03 -24.69
C LEU D 11 11.54 -33.07 -25.36
N GLU D 12 11.65 -34.33 -24.98
CA GLU D 12 10.90 -35.42 -25.60
C GLU D 12 9.67 -35.74 -24.77
N GLY D 13 8.52 -35.85 -25.43
CA GLY D 13 7.30 -36.31 -24.80
C GLY D 13 6.75 -37.49 -25.55
N GLN D 14 6.23 -38.47 -24.81
CA GLN D 14 5.72 -39.70 -25.41
C GLN D 14 4.20 -39.66 -25.46
N ASN D 15 3.65 -39.85 -26.65
CA ASN D 15 2.19 -39.93 -26.81
C ASN D 15 1.66 -41.13 -26.04
N LEU D 16 0.59 -40.90 -25.27
CA LEU D 16 0.10 -41.90 -24.34
C LEU D 16 -0.84 -42.90 -25.00
N LYS D 17 -1.72 -42.45 -25.90
CA LYS D 17 -2.72 -43.36 -26.45
C LYS D 17 -2.08 -44.50 -27.23
N GLU D 18 -1.04 -44.20 -28.02
CA GLU D 18 -0.37 -45.21 -28.82
C GLU D 18 0.63 -46.05 -28.02
N GLN D 19 0.61 -45.94 -26.69
CA GLN D 19 1.59 -46.65 -25.88
C GLN D 19 0.96 -47.40 -24.71
N VAL D 20 -0.07 -46.84 -24.07
CA VAL D 20 -0.61 -47.45 -22.87
C VAL D 20 -1.23 -48.80 -23.18
N LYS D 21 -0.96 -49.78 -22.32
CA LYS D 21 -1.47 -51.14 -22.48
C LYS D 21 -2.47 -51.54 -21.40
N ASN D 22 -2.51 -50.83 -20.28
CA ASN D 22 -3.41 -51.18 -19.20
C ASN D 22 -4.85 -51.09 -19.65
N PRO D 23 -5.65 -52.15 -19.50
CA PRO D 23 -7.07 -52.07 -19.90
C PRO D 23 -7.89 -51.14 -19.03
N ASN D 24 -7.37 -50.71 -17.88
CA ASN D 24 -8.08 -49.79 -17.00
C ASN D 24 -7.60 -48.35 -17.16
N ILE D 25 -6.85 -48.05 -18.22
CA ILE D 25 -6.45 -46.70 -18.56
C ILE D 25 -7.04 -46.35 -19.93
N GLU D 26 -7.67 -45.19 -20.03
CA GLU D 26 -8.10 -44.67 -21.32
C GLU D 26 -7.67 -43.22 -21.40
N VAL D 27 -6.81 -42.94 -22.38
CA VAL D 27 -6.23 -41.63 -22.58
C VAL D 27 -6.54 -41.17 -24.00
N GLY D 28 -6.80 -39.88 -24.16
CA GLY D 28 -7.27 -39.32 -25.41
C GLY D 28 -6.13 -38.95 -26.35
N ASP D 29 -6.53 -38.35 -27.48
CA ASP D 29 -5.60 -37.99 -28.53
C ASP D 29 -4.59 -36.95 -28.04
N TYR D 30 -3.34 -37.12 -28.49
CA TYR D 30 -2.27 -36.13 -28.37
C TYR D 30 -1.80 -35.89 -26.93
N SER D 31 -2.50 -36.46 -25.95
CA SER D 31 -2.05 -36.34 -24.57
C SER D 31 -0.73 -37.08 -24.39
N TYR D 32 0.24 -36.43 -23.76
CA TYR D 32 1.60 -36.93 -23.68
C TYR D 32 2.09 -36.89 -22.24
N TYR D 33 3.16 -37.64 -21.99
CA TYR D 33 3.85 -37.63 -20.70
C TYR D 33 5.34 -37.40 -20.95
N SER D 34 5.89 -36.36 -20.34
CA SER D 34 7.30 -36.03 -20.45
C SER D 34 7.93 -36.30 -19.09
N GLY D 35 8.45 -37.51 -18.91
CA GLY D 35 9.00 -37.91 -17.63
C GLY D 35 10.44 -38.34 -17.67
N PHE D 36 11.30 -37.49 -18.23
CA PHE D 36 12.72 -37.84 -18.37
C PHE D 36 13.43 -37.86 -17.01
N TYR D 37 13.08 -36.93 -16.13
CA TYR D 37 13.70 -36.85 -14.82
C TYR D 37 13.17 -37.88 -13.83
N HIS D 38 12.33 -38.81 -14.30
CA HIS D 38 11.88 -39.93 -13.48
C HIS D 38 12.03 -41.26 -14.22
N SER D 39 12.78 -41.27 -15.33
CA SER D 39 13.29 -42.49 -15.96
C SER D 39 12.22 -43.34 -16.63
N LYS D 40 11.29 -43.89 -15.85
CA LYS D 40 10.38 -44.92 -16.33
C LYS D 40 9.17 -44.30 -17.02
N THR D 41 8.37 -45.16 -17.65
CA THR D 41 7.28 -44.73 -18.50
C THR D 41 6.08 -44.26 -17.67
N PHE D 42 5.02 -43.87 -18.39
CA PHE D 42 3.80 -43.39 -17.74
C PHE D 42 3.16 -44.48 -16.89
N GLU D 43 3.01 -45.68 -17.44
CA GLU D 43 2.37 -46.76 -16.71
C GLU D 43 3.24 -47.33 -15.59
N GLU D 44 4.54 -47.03 -15.59
CA GLU D 44 5.44 -47.57 -14.57
C GLU D 44 5.63 -46.61 -13.40
N GLN D 45 5.68 -45.31 -13.66
CA GLN D 45 5.98 -44.31 -12.64
C GLN D 45 4.78 -43.46 -12.26
N ALA D 46 3.96 -43.03 -13.23
CA ALA D 46 2.90 -42.08 -12.96
C ALA D 46 1.66 -42.78 -12.39
N VAL D 47 1.13 -43.76 -13.11
CA VAL D 47 -0.06 -44.48 -12.67
C VAL D 47 0.35 -45.54 -11.66
N ARG D 48 -0.20 -45.46 -10.46
CA ARG D 48 0.25 -46.29 -9.35
C ARG D 48 -0.92 -47.05 -8.75
N TYR D 49 -0.66 -48.30 -8.34
CA TYR D 49 -1.62 -49.15 -7.65
C TYR D 49 -2.86 -49.42 -8.50
N LEU D 50 -2.67 -49.56 -9.81
CA LEU D 50 -3.77 -49.82 -10.73
C LEU D 50 -3.62 -51.25 -11.27
N LEU D 51 -4.53 -52.13 -10.85
CA LEU D 51 -4.54 -53.49 -11.35
C LEU D 51 -4.62 -53.49 -12.87
N GLY D 52 -3.88 -54.41 -13.49
CA GLY D 52 -3.85 -54.54 -14.94
C GLY D 52 -2.52 -54.19 -15.57
N ASP D 53 -1.64 -53.49 -14.85
CA ASP D 53 -0.31 -53.21 -15.36
C ASP D 53 0.52 -54.49 -15.33
N ALA D 54 1.82 -54.34 -15.62
CA ALA D 54 2.69 -55.51 -15.72
C ALA D 54 2.76 -56.32 -14.42
N PRO D 55 3.27 -55.78 -13.30
CA PRO D 55 3.44 -56.62 -12.10
C PRO D 55 2.15 -57.15 -11.53
N THR D 56 0.99 -56.79 -12.09
CA THR D 56 -0.27 -57.29 -11.58
C THR D 56 -1.04 -58.11 -12.60
N GLN D 57 -0.52 -58.25 -13.83
CA GLN D 57 -1.30 -58.86 -14.92
C GLN D 57 -2.00 -60.14 -14.49
N GLU D 58 -1.24 -61.08 -13.91
CA GLU D 58 -1.81 -62.34 -13.43
C GLU D 58 -3.01 -62.10 -12.53
N VAL D 59 -2.81 -61.40 -11.41
CA VAL D 59 -3.90 -61.11 -10.49
C VAL D 59 -5.06 -60.41 -11.21
N TRP D 60 -4.77 -59.58 -12.21
CA TRP D 60 -5.86 -58.96 -12.96
C TRP D 60 -6.64 -60.01 -13.74
N GLU D 61 -5.94 -60.92 -14.42
CA GLU D 61 -6.61 -61.92 -15.23
C GLU D 61 -7.23 -63.04 -14.41
N SER D 62 -6.96 -63.09 -13.11
CA SER D 62 -7.61 -64.05 -12.24
C SER D 62 -9.03 -63.64 -11.88
N GLY D 63 -9.38 -62.37 -12.05
CA GLY D 63 -10.69 -61.89 -11.66
C GLY D 63 -10.90 -61.86 -10.17
N GLN D 64 -9.82 -61.87 -9.38
CA GLN D 64 -9.95 -61.90 -7.92
C GLN D 64 -10.75 -60.72 -7.41
N PHE D 65 -10.28 -59.51 -7.70
CA PHE D 65 -10.84 -58.29 -7.13
C PHE D 65 -11.92 -57.65 -8.02
N GLY D 66 -12.35 -58.35 -9.06
CA GLY D 66 -13.45 -57.83 -9.87
C GLY D 66 -13.09 -56.56 -10.61
N GLU D 67 -14.06 -55.65 -10.70
CA GLU D 67 -13.87 -54.39 -11.39
C GLU D 67 -13.24 -53.37 -10.44
N VAL D 68 -12.20 -52.69 -10.90
CA VAL D 68 -11.51 -51.68 -10.12
C VAL D 68 -11.77 -50.31 -10.73
N ASP D 69 -11.32 -49.27 -10.03
CA ASP D 69 -11.47 -47.91 -10.52
C ASP D 69 -10.52 -47.68 -11.70
N LYS D 70 -11.03 -47.12 -12.78
CA LYS D 70 -10.24 -46.83 -13.96
C LYS D 70 -9.74 -45.39 -13.93
N LEU D 71 -8.73 -45.12 -14.75
CA LEU D 71 -8.17 -43.79 -14.92
C LEU D 71 -8.47 -43.32 -16.33
N ARG D 72 -9.24 -42.24 -16.44
CA ARG D 72 -9.62 -41.68 -17.74
C ARG D 72 -8.97 -40.32 -17.91
N ILE D 73 -8.27 -40.13 -19.03
CA ILE D 73 -7.61 -38.88 -19.35
C ILE D 73 -8.10 -38.43 -20.72
N GLY D 74 -8.44 -37.15 -20.84
CA GLY D 74 -8.94 -36.60 -22.09
C GLY D 74 -7.85 -36.35 -23.11
N LYS D 75 -8.13 -35.49 -24.08
CA LYS D 75 -7.19 -35.19 -25.14
C LYS D 75 -6.44 -33.89 -24.84
N PHE D 76 -5.28 -33.75 -25.48
CA PHE D 76 -4.49 -32.52 -25.42
C PHE D 76 -4.10 -32.16 -23.98
N CYS D 77 -3.70 -33.16 -23.21
CA CYS D 77 -3.24 -32.96 -21.84
C CYS D 77 -1.72 -33.02 -21.77
N SER D 78 -1.13 -32.15 -20.96
CA SER D 78 0.31 -32.11 -20.73
C SER D 78 0.58 -32.60 -19.31
N ILE D 79 1.27 -33.73 -19.20
CA ILE D 79 1.59 -34.35 -17.93
C ILE D 79 3.10 -34.28 -17.74
N ALA D 80 3.55 -33.45 -16.80
CA ALA D 80 4.97 -33.22 -16.61
C ALA D 80 5.60 -34.37 -15.83
N SER D 81 6.92 -34.27 -15.67
CA SER D 81 7.70 -35.36 -15.10
C SER D 81 7.40 -35.51 -13.61
N GLY D 82 7.05 -36.72 -13.20
CA GLY D 82 6.79 -37.01 -11.80
C GLY D 82 5.35 -36.90 -11.36
N ALA D 83 4.46 -36.38 -12.21
CA ALA D 83 3.04 -36.35 -11.88
C ALA D 83 2.56 -37.76 -11.58
N THR D 84 1.79 -37.91 -10.50
CA THR D 84 1.45 -39.22 -9.96
C THR D 84 -0.05 -39.34 -9.81
N PHE D 85 -0.60 -40.43 -10.36
CA PHE D 85 -2.02 -40.76 -10.23
C PHE D 85 -2.15 -41.97 -9.31
N MSE D 86 -2.86 -41.79 -8.22
CA MSE D 86 -2.96 -42.83 -7.20
C MSE D 86 -4.30 -43.55 -7.27
O MSE D 86 -5.36 -42.94 -7.14
CB MSE D 86 -2.75 -42.23 -5.81
CG MSE D 86 -1.41 -41.52 -5.63
SE MSE D 86 0.11 -42.72 -5.52
CE MSE D 86 0.58 -42.33 -3.68
N MSE D 87 -4.23 -44.86 -7.52
CA MSE D 87 -5.44 -45.67 -7.69
C MSE D 87 -5.62 -46.57 -6.47
O MSE D 87 -4.97 -46.37 -5.44
CB MSE D 87 -5.35 -46.48 -8.97
CG MSE D 87 -5.13 -45.63 -10.23
SE MSE D 87 -6.55 -44.35 -10.59
CE MSE D 87 -5.53 -42.73 -10.76
N ALA D 88 -6.50 -47.56 -6.61
CA ALA D 88 -6.77 -48.57 -5.59
C ALA D 88 -7.37 -47.99 -4.31
N GLY D 89 -7.98 -46.81 -4.40
CA GLY D 89 -8.71 -46.22 -3.30
C GLY D 89 -7.98 -46.17 -1.98
N ASN D 90 -8.56 -46.79 -0.95
CA ASN D 90 -7.97 -46.76 0.38
C ASN D 90 -6.92 -47.84 0.59
N GLN D 91 -6.73 -48.72 -0.39
CA GLN D 91 -5.72 -49.77 -0.33
C GLN D 91 -5.87 -50.65 0.91
N GLY D 92 -7.11 -50.87 1.34
CA GLY D 92 -7.40 -51.75 2.45
C GLY D 92 -7.45 -51.09 3.81
N HIS D 93 -6.87 -49.90 3.95
CA HIS D 93 -6.88 -49.21 5.23
C HIS D 93 -8.20 -48.47 5.42
N ARG D 94 -8.85 -48.71 6.57
CA ARG D 94 -10.10 -48.00 6.81
C ARG D 94 -9.99 -47.29 8.15
N ALA D 95 -9.95 -45.96 7.98
CA ALA D 95 -9.79 -45.06 9.12
C ALA D 95 -10.95 -45.16 10.11
N ASP D 96 -12.14 -45.55 9.65
CA ASP D 96 -13.30 -45.69 10.52
C ASP D 96 -13.29 -46.99 11.31
N TRP D 97 -12.39 -47.91 11.00
CA TRP D 97 -12.25 -49.14 11.76
C TRP D 97 -11.25 -48.93 12.91
N ILE D 98 -11.23 -49.89 13.82
CA ILE D 98 -10.36 -49.77 15.00
C ILE D 98 -8.90 -49.72 14.58
N SER D 99 -8.54 -50.49 13.56
CA SER D 99 -7.16 -50.58 13.09
C SER D 99 -7.08 -50.24 11.61
N THR D 100 -5.99 -49.57 11.24
CA THR D 100 -5.67 -49.31 9.84
C THR D 100 -4.88 -50.45 9.21
N PHE D 101 -4.52 -51.46 9.98
CA PHE D 101 -3.62 -52.51 9.50
C PHE D 101 -4.40 -53.52 8.65
N PRO D 102 -3.93 -53.80 7.44
CA PRO D 102 -4.59 -54.82 6.60
C PRO D 102 -4.16 -56.23 6.96
N PHE D 103 -4.82 -56.78 7.98
CA PHE D 103 -4.45 -58.10 8.49
C PHE D 103 -4.59 -59.17 7.40
N SER D 104 -3.66 -60.12 7.39
CA SER D 104 -3.68 -61.22 6.45
C SER D 104 -4.47 -62.39 7.03
N LYS D 105 -5.33 -62.99 6.21
CA LYS D 105 -6.10 -64.14 6.66
C LYS D 105 -5.19 -65.32 6.99
N LYS D 106 -4.05 -65.43 6.30
CA LYS D 106 -3.12 -66.53 6.57
C LYS D 106 -2.48 -66.42 7.95
N GLU D 107 -2.47 -65.22 8.53
CA GLU D 107 -1.84 -65.02 9.83
C GLU D 107 -2.84 -64.84 10.96
N PHE D 108 -4.00 -64.23 10.70
CA PHE D 108 -4.91 -63.82 11.77
C PHE D 108 -6.26 -64.54 11.73
N GLY D 109 -6.40 -65.59 10.92
CA GLY D 109 -7.58 -66.44 11.00
C GLY D 109 -8.68 -66.03 10.05
N GLU D 110 -9.80 -66.75 10.16
CA GLU D 110 -10.92 -66.57 9.25
C GLU D 110 -11.74 -65.33 9.56
N GLY D 111 -11.52 -64.69 10.71
CA GLY D 111 -12.29 -63.54 11.11
C GLY D 111 -11.86 -62.22 10.51
N VAL D 112 -11.01 -62.22 9.49
CA VAL D 112 -10.51 -60.99 8.89
C VAL D 112 -11.48 -60.51 7.84
N LYS D 113 -11.85 -59.23 7.90
CA LYS D 113 -12.69 -58.59 6.91
C LYS D 113 -11.83 -57.71 6.01
N ASP D 114 -12.07 -57.79 4.71
CA ASP D 114 -11.31 -56.98 3.78
C ASP D 114 -11.93 -55.59 3.69
N GLY D 115 -11.12 -54.58 3.99
CA GLY D 115 -11.56 -53.22 4.05
C GLY D 115 -11.41 -52.41 2.78
N PHE D 116 -11.11 -53.04 1.65
CA PHE D 116 -10.95 -52.29 0.41
C PHE D 116 -12.27 -51.66 0.00
N GLN D 117 -12.20 -50.43 -0.49
CA GLN D 117 -13.37 -49.73 -0.99
C GLN D 117 -12.98 -48.96 -2.24
N ARG D 118 -13.73 -49.16 -3.32
CA ARG D 118 -13.51 -48.40 -4.54
C ARG D 118 -13.75 -46.93 -4.30
N ALA D 119 -12.85 -46.08 -4.78
CA ALA D 119 -12.96 -44.64 -4.62
C ALA D 119 -13.62 -43.96 -5.82
N GLY D 120 -14.01 -44.71 -6.84
CA GLY D 120 -14.51 -44.15 -8.07
C GLY D 120 -13.40 -43.88 -9.07
N ASP D 121 -13.79 -43.72 -10.32
CA ASP D 121 -12.83 -43.44 -11.37
C ASP D 121 -12.20 -42.07 -11.17
N THR D 122 -10.95 -41.94 -11.61
CA THR D 122 -10.26 -40.66 -11.66
C THR D 122 -10.38 -40.12 -13.08
N ILE D 123 -11.03 -38.97 -13.23
CA ILE D 123 -11.33 -38.40 -14.53
C ILE D 123 -10.52 -37.13 -14.72
N VAL D 124 -9.58 -37.16 -15.65
CA VAL D 124 -8.87 -35.98 -16.12
C VAL D 124 -9.56 -35.49 -17.39
N GLY D 125 -9.95 -34.22 -17.42
CA GLY D 125 -10.62 -33.66 -18.57
C GLY D 125 -9.71 -33.42 -19.75
N ASN D 126 -10.15 -32.59 -20.69
CA ASN D 126 -9.37 -32.25 -21.87
C ASN D 126 -8.62 -30.94 -21.64
N ASP D 127 -7.46 -30.81 -22.30
CA ASP D 127 -6.64 -29.61 -22.22
C ASP D 127 -6.22 -29.31 -20.78
N VAL D 128 -5.78 -30.35 -20.07
CA VAL D 128 -5.36 -30.24 -18.68
C VAL D 128 -3.84 -30.26 -18.63
N TRP D 129 -3.27 -29.31 -17.89
CA TRP D 129 -1.83 -29.21 -17.69
C TRP D 129 -1.53 -29.58 -16.24
N ILE D 130 -0.83 -30.69 -16.04
CA ILE D 130 -0.49 -31.18 -14.71
C ILE D 130 1.00 -30.94 -14.49
N GLY D 131 1.32 -30.09 -13.51
CA GLY D 131 2.70 -29.74 -13.22
C GLY D 131 3.52 -30.93 -12.74
N SER D 132 4.83 -30.69 -12.66
CA SER D 132 5.78 -31.75 -12.35
C SER D 132 5.65 -32.19 -10.90
N GLU D 133 5.71 -33.51 -10.69
CA GLU D 133 5.69 -34.13 -9.38
C GLU D 133 4.44 -33.80 -8.57
N ALA D 134 3.36 -33.41 -9.25
CA ALA D 134 2.08 -33.27 -8.59
C ALA D 134 1.50 -34.66 -8.31
N MSE D 135 0.56 -34.72 -7.37
CA MSE D 135 -0.06 -35.99 -7.01
C MSE D 135 -1.58 -35.91 -6.99
O MSE D 135 -2.16 -35.09 -6.27
CB MSE D 135 0.45 -36.47 -5.64
CG MSE D 135 -0.11 -37.82 -5.21
SE MSE D 135 0.51 -38.41 -3.43
CE MSE D 135 2.27 -39.11 -3.94
N ILE D 136 -2.22 -36.74 -7.80
CA ILE D 136 -3.67 -36.82 -7.88
C ILE D 136 -4.13 -38.02 -7.06
N MSE D 137 -5.00 -37.77 -6.08
CA MSE D 137 -5.49 -38.80 -5.18
C MSE D 137 -6.72 -39.48 -5.81
O MSE D 137 -7.34 -38.90 -6.69
CB MSE D 137 -5.80 -38.18 -3.81
CG MSE D 137 -4.58 -37.51 -3.19
SE MSE D 137 -3.58 -38.66 -1.97
CE MSE D 137 -2.31 -39.45 -3.18
N PRO D 138 -7.04 -40.70 -5.38
CA PRO D 138 -8.07 -41.48 -6.09
C PRO D 138 -9.45 -40.82 -6.04
N GLY D 139 -10.23 -41.05 -7.10
CA GLY D 139 -11.60 -40.59 -7.18
C GLY D 139 -11.81 -39.14 -7.53
N VAL D 140 -10.75 -38.43 -7.93
CA VAL D 140 -10.81 -37.00 -8.17
C VAL D 140 -11.13 -36.73 -9.63
N HIS D 141 -11.99 -35.75 -9.89
CA HIS D 141 -12.28 -35.27 -11.22
C HIS D 141 -11.59 -33.94 -11.44
N ILE D 142 -10.88 -33.81 -12.57
CA ILE D 142 -10.23 -32.55 -12.96
C ILE D 142 -10.91 -32.06 -14.23
N GLY D 143 -11.57 -30.91 -14.14
CA GLY D 143 -12.32 -30.39 -15.26
C GLY D 143 -11.43 -29.98 -16.43
N ASP D 144 -12.09 -29.70 -17.55
CA ASP D 144 -11.38 -29.31 -18.77
C ASP D 144 -10.67 -27.98 -18.56
N GLY D 145 -9.49 -27.86 -19.17
CA GLY D 145 -8.74 -26.62 -19.14
C GLY D 145 -8.09 -26.28 -17.81
N ALA D 146 -8.17 -27.17 -16.83
CA ALA D 146 -7.59 -26.89 -15.51
C ALA D 146 -6.07 -26.98 -15.57
N ILE D 147 -5.44 -26.31 -14.60
CA ILE D 147 -3.98 -26.29 -14.47
C ILE D 147 -3.64 -26.71 -13.05
N ILE D 148 -2.85 -27.77 -12.92
CA ILE D 148 -2.38 -28.25 -11.62
C ILE D 148 -0.93 -27.85 -11.47
N GLY D 149 -0.65 -27.00 -10.49
CA GLY D 149 0.71 -26.55 -10.26
C GLY D 149 1.64 -27.67 -9.87
N ALA D 150 2.94 -27.38 -9.96
CA ALA D 150 3.95 -28.36 -9.60
C ALA D 150 3.88 -28.68 -8.11
N ARG D 151 4.10 -29.95 -7.77
CA ARG D 151 4.11 -30.47 -6.41
C ARG D 151 2.76 -30.34 -5.71
N ALA D 152 1.69 -30.06 -6.46
CA ALA D 152 0.37 -29.94 -5.85
C ALA D 152 -0.20 -31.31 -5.55
N VAL D 153 -0.95 -31.40 -4.46
CA VAL D 153 -1.63 -32.63 -4.06
C VAL D 153 -3.13 -32.38 -4.16
N ILE D 154 -3.79 -33.02 -5.12
CA ILE D 154 -5.20 -32.78 -5.42
C ILE D 154 -6.02 -33.87 -4.75
N THR D 155 -6.83 -33.47 -3.76
CA THR D 155 -7.67 -34.40 -3.01
C THR D 155 -9.17 -34.20 -3.25
N LYS D 156 -9.57 -33.08 -3.83
CA LYS D 156 -10.98 -32.83 -4.14
C LYS D 156 -11.11 -32.42 -5.60
N ASN D 157 -12.33 -32.44 -6.11
CA ASN D 157 -12.58 -32.14 -7.50
C ASN D 157 -12.15 -30.72 -7.84
N VAL D 158 -11.66 -30.54 -9.07
CA VAL D 158 -11.18 -29.23 -9.47
C VAL D 158 -12.00 -28.76 -10.67
N ALA D 159 -12.55 -27.56 -10.49
CA ALA D 159 -13.45 -26.98 -11.47
C ALA D 159 -12.73 -26.74 -12.79
N PRO D 160 -13.47 -26.73 -13.90
CA PRO D 160 -12.84 -26.49 -15.20
C PRO D 160 -12.16 -25.13 -15.26
N TYR D 161 -10.99 -25.10 -15.90
CA TYR D 161 -10.25 -23.86 -16.19
C TYR D 161 -9.87 -23.12 -14.90
N SER D 162 -9.54 -23.87 -13.86
CA SER D 162 -9.11 -23.27 -12.60
C SER D 162 -7.68 -23.67 -12.30
N VAL D 163 -6.95 -22.76 -11.67
CA VAL D 163 -5.55 -22.91 -11.27
C VAL D 163 -5.53 -23.38 -9.83
N VAL D 164 -4.90 -24.53 -9.55
CA VAL D 164 -4.84 -25.10 -8.21
C VAL D 164 -3.39 -25.33 -7.85
N VAL D 165 -2.96 -24.81 -6.71
CA VAL D 165 -1.60 -24.93 -6.23
C VAL D 165 -1.59 -25.73 -4.93
N GLY D 166 -0.40 -26.13 -4.51
CA GLY D 166 -0.17 -26.77 -3.22
C GLY D 166 -1.21 -27.77 -2.75
N ASN D 167 -1.67 -27.60 -1.52
CA ASN D 167 -2.63 -28.54 -0.93
C ASN D 167 -4.05 -28.12 -1.31
N ASN D 168 -4.32 -28.25 -2.61
CA ASN D 168 -5.64 -27.96 -3.17
C ASN D 168 -6.07 -26.52 -2.91
N VAL D 169 -5.15 -25.57 -3.03
CA VAL D 169 -5.48 -24.15 -2.96
C VAL D 169 -5.80 -23.66 -4.36
N VAL D 170 -6.96 -23.03 -4.52
CA VAL D 170 -7.43 -22.57 -5.82
C VAL D 170 -7.01 -21.11 -5.98
N VAL D 171 -6.13 -20.85 -6.94
CA VAL D 171 -5.62 -19.50 -7.13
C VAL D 171 -6.66 -18.64 -7.82
N LYS D 172 -7.06 -19.02 -9.03
CA LYS D 172 -7.91 -18.20 -9.87
C LYS D 172 -8.52 -19.09 -10.94
N LYS D 173 -9.30 -18.47 -11.83
CA LYS D 173 -9.72 -19.10 -13.07
C LYS D 173 -9.01 -18.43 -14.23
N ARG D 174 -8.73 -19.20 -15.28
CA ARG D 174 -7.94 -18.69 -16.39
C ARG D 174 -8.65 -17.58 -17.15
N PHE D 175 -9.99 -17.63 -17.23
CA PHE D 175 -10.75 -16.64 -17.97
C PHE D 175 -12.01 -16.29 -17.18
N ASP D 176 -12.77 -15.34 -17.71
CA ASP D 176 -14.06 -15.01 -17.15
C ASP D 176 -15.05 -16.16 -17.35
N GLU D 177 -16.08 -16.20 -16.51
CA GLU D 177 -16.98 -17.35 -16.49
C GLU D 177 -17.72 -17.51 -17.81
N ASN D 178 -18.08 -16.40 -18.46
CA ASN D 178 -18.77 -16.48 -19.74
C ASN D 178 -17.87 -17.10 -20.81
N LEU D 179 -16.59 -16.70 -20.85
CA LEU D 179 -15.67 -17.28 -21.81
C LEU D 179 -15.42 -18.76 -21.51
N ILE D 180 -15.40 -19.11 -20.22
CA ILE D 180 -15.23 -20.51 -19.84
C ILE D 180 -16.42 -21.33 -20.33
N GLN D 181 -17.64 -20.80 -20.20
CA GLN D 181 -18.83 -21.49 -20.70
C GLN D 181 -18.81 -21.60 -22.21
N THR D 182 -18.28 -20.58 -22.88
CA THR D 182 -18.11 -20.66 -24.33
C THR D 182 -17.19 -21.81 -24.71
N LEU D 183 -16.04 -21.90 -24.04
CA LEU D 183 -15.10 -22.99 -24.32
C LEU D 183 -15.73 -24.35 -24.04
N LEU D 184 -16.46 -24.46 -22.93
CA LEU D 184 -17.09 -25.73 -22.59
C LEU D 184 -18.24 -26.08 -23.51
N VAL D 185 -18.80 -25.09 -24.21
CA VAL D 185 -19.85 -25.40 -25.18
C VAL D 185 -19.26 -25.80 -26.53
N ILE D 186 -18.24 -25.08 -27.01
CA ILE D 186 -17.74 -25.37 -28.35
C ILE D 186 -16.82 -26.59 -28.38
N LYS D 187 -16.09 -26.84 -27.29
CA LYS D 187 -15.25 -28.03 -27.13
C LYS D 187 -14.34 -28.24 -28.34
N TRP D 188 -13.33 -27.38 -28.44
CA TRP D 188 -12.44 -27.42 -29.61
C TRP D 188 -11.67 -28.73 -29.68
N TRP D 189 -11.44 -29.38 -28.54
CA TRP D 189 -10.68 -30.62 -28.53
C TRP D 189 -11.39 -31.73 -29.28
N ASP D 190 -12.71 -31.67 -29.39
CA ASP D 190 -13.49 -32.67 -30.13
C ASP D 190 -13.67 -32.31 -31.60
N TRP D 191 -13.06 -31.23 -32.07
CA TRP D 191 -13.22 -30.82 -33.44
C TRP D 191 -12.46 -31.76 -34.38
N PRO D 192 -12.85 -31.80 -35.66
CA PRO D 192 -12.01 -32.46 -36.65
C PRO D 192 -10.63 -31.79 -36.73
N LEU D 193 -9.63 -32.58 -37.08
CA LEU D 193 -8.24 -32.11 -37.00
C LEU D 193 -8.01 -30.87 -37.85
N GLN D 194 -8.64 -30.82 -39.03
CA GLN D 194 -8.39 -29.69 -39.94
C GLN D 194 -8.92 -28.38 -39.38
N HIS D 195 -10.02 -28.42 -38.63
CA HIS D 195 -10.55 -27.20 -38.02
C HIS D 195 -9.60 -26.68 -36.95
N ILE D 196 -9.02 -27.58 -36.14
CA ILE D 196 -8.02 -27.19 -35.18
C ILE D 196 -6.81 -26.58 -35.88
N LYS D 197 -6.37 -27.22 -36.97
CA LYS D 197 -5.26 -26.68 -37.77
C LYS D 197 -5.59 -25.27 -38.26
N ASN D 198 -6.84 -25.03 -38.64
CA ASN D 198 -7.22 -23.73 -39.19
C ASN D 198 -7.37 -22.67 -38.10
N THR D 199 -7.72 -23.07 -36.89
CA THR D 199 -7.86 -22.14 -35.77
C THR D 199 -6.60 -22.04 -34.92
N MSE D 200 -5.52 -22.70 -35.33
CA MSE D 200 -4.28 -22.72 -34.56
C MSE D 200 -3.77 -21.34 -34.19
O MSE D 200 -3.22 -21.14 -33.10
CB MSE D 200 -3.20 -23.48 -35.34
CG MSE D 200 -1.98 -23.83 -34.54
SE MSE D 200 -2.37 -24.80 -32.89
CE MSE D 200 -3.49 -26.21 -33.60
N GLU D 201 -3.95 -20.36 -35.08
CA GLU D 201 -3.56 -18.99 -34.77
C GLU D 201 -4.38 -18.42 -33.62
N ILE D 202 -5.64 -18.83 -33.48
CA ILE D 202 -6.49 -18.31 -32.42
C ILE D 202 -6.27 -19.08 -31.12
N LEU D 203 -6.08 -20.40 -31.22
CA LEU D 203 -5.81 -21.20 -30.03
C LEU D 203 -4.52 -20.76 -29.34
N CYS D 204 -3.56 -20.27 -30.12
CA CYS D 204 -2.32 -19.71 -29.57
C CYS D 204 -2.47 -18.25 -29.16
N SER D 205 -3.63 -17.89 -28.61
CA SER D 205 -3.90 -16.55 -28.15
C SER D 205 -5.04 -16.63 -27.15
N GLY D 206 -5.55 -15.47 -26.73
CA GLY D 206 -6.65 -15.44 -25.78
C GLY D 206 -7.94 -14.95 -26.38
N HIS D 207 -8.05 -15.01 -27.71
CA HIS D 207 -9.22 -14.47 -28.42
C HIS D 207 -10.29 -15.55 -28.48
N ILE D 208 -11.01 -15.70 -27.36
CA ILE D 208 -12.03 -16.73 -27.27
C ILE D 208 -13.22 -16.41 -28.17
N GLU D 209 -13.56 -15.13 -28.30
CA GLU D 209 -14.68 -14.75 -29.16
C GLU D 209 -14.41 -15.13 -30.61
N GLU D 210 -13.16 -14.98 -31.07
CA GLU D 210 -12.81 -15.37 -32.43
C GLU D 210 -13.07 -16.87 -32.65
N LEU D 211 -12.60 -17.69 -31.72
CA LEU D 211 -12.81 -19.13 -31.84
C LEU D 211 -14.28 -19.49 -31.78
N GLU D 212 -15.07 -18.77 -30.98
CA GLU D 212 -16.52 -18.98 -31.00
C GLU D 212 -17.09 -18.64 -32.37
N GLN D 213 -16.58 -17.57 -33.00
CA GLN D 213 -17.06 -17.20 -34.32
C GLN D 213 -16.74 -18.27 -35.36
N TYR D 214 -15.51 -18.80 -35.33
CA TYR D 214 -15.17 -19.87 -36.24
C TYR D 214 -16.04 -21.10 -36.01
N PHE D 215 -16.29 -21.44 -34.74
CA PHE D 215 -17.17 -22.56 -34.44
C PHE D 215 -18.55 -22.35 -35.04
N ILE D 216 -19.10 -21.15 -34.86
CA ILE D 216 -20.45 -20.86 -35.37
C ILE D 216 -20.46 -20.94 -36.90
N LYS D 217 -19.41 -20.45 -37.55
CA LYS D 217 -19.44 -20.34 -39.01
C LYS D 217 -19.11 -21.65 -39.72
N ASN D 218 -18.27 -22.50 -39.14
CA ASN D 218 -17.73 -23.64 -39.89
C ASN D 218 -17.84 -24.98 -39.20
N VAL D 219 -17.99 -25.05 -37.88
CA VAL D 219 -17.97 -26.31 -37.14
C VAL D 219 -19.37 -26.70 -36.65
N GLY D 220 -20.01 -25.84 -35.86
CA GLY D 220 -21.31 -26.14 -35.30
C GLY D 220 -22.41 -26.33 -36.32
O1 MES E . 22.51 15.27 15.16
C2 MES E . 21.59 15.64 16.19
C3 MES E . 22.06 15.24 17.59
N4 MES E . 23.45 15.67 17.66
C5 MES E . 24.41 15.21 16.66
C6 MES E . 23.59 14.46 15.61
C7 MES E . 23.96 16.13 18.95
C8 MES E . 24.44 14.86 19.64
S MES E . 24.98 15.24 21.16
O1S MES E . 25.71 14.09 21.73
O2S MES E . 25.87 16.42 21.10
O3S MES E . 23.82 15.55 22.03
MG MG F . -3.65 -2.06 -30.78
C ACT G . 15.94 5.72 -25.07
O ACT G . 16.42 4.90 -24.26
OXT ACT G . 15.17 5.25 -25.94
CH3 ACT G . 16.26 7.19 -25.00
C ACT H . 26.16 9.77 7.51
O ACT H . 26.98 8.90 7.15
OXT ACT H . 26.33 10.23 8.66
CH3 ACT H . 25.04 10.22 6.62
CL CL I . 17.49 11.76 13.54
O1 MES J . -12.21 28.74 13.99
C2 MES J . -12.20 29.22 12.64
C3 MES J . -13.59 29.23 11.99
N4 MES J . -14.46 29.94 12.92
C5 MES J . -14.41 29.64 14.35
C6 MES J . -13.50 28.43 14.50
C7 MES J . -15.53 30.77 12.40
C8 MES J . -16.82 30.07 12.82
S MES J . -18.12 30.97 12.30
O1S MES J . -18.23 30.88 10.82
O2S MES J . -19.37 30.45 12.91
O3S MES J . -17.94 32.39 12.69
MG MG K . 29.77 -5.93 26.10
C ACT L . -7.83 26.51 22.94
O ACT L . -8.04 27.15 21.88
OXT ACT L . -8.53 26.81 23.91
CH3 ACT L . -6.78 25.43 23.01
CL CL M . 21.59 13.90 32.79
CL CL N . -14.04 26.94 20.30
CL CL O . -10.60 22.47 13.21
O1 MES P . 4.06 16.07 -17.24
C2 MES P . 3.75 15.12 -18.26
C3 MES P . 5.02 14.41 -18.73
N4 MES P . 6.01 15.43 -19.07
C5 MES P . 6.28 16.51 -18.14
C6 MES P . 4.93 17.10 -17.73
C7 MES P . 7.10 15.02 -19.94
C8 MES P . 6.44 14.72 -21.29
S MES P . 7.61 14.25 -22.37
O1S MES P . 8.74 13.61 -21.66
O2S MES P . 7.03 13.30 -23.35
O3S MES P . 8.12 15.45 -23.10
O1 MES Q . -6.33 18.31 -15.38
C2 MES Q . -7.40 17.50 -15.89
C3 MES Q . -7.40 17.42 -17.41
N4 MES Q . -6.03 17.11 -17.79
C5 MES Q . -4.96 17.99 -17.35
C6 MES Q . -5.59 18.99 -16.38
C7 MES Q . -5.83 16.36 -19.01
C8 MES Q . -6.40 17.26 -20.10
S MES Q . -6.28 16.54 -21.60
O1S MES Q . -4.93 15.94 -21.74
O2S MES Q . -7.33 15.50 -21.73
O3S MES Q . -6.47 17.56 -22.66
MG MG R . -31.93 18.74 25.19
C ACT S . -27.80 29.13 5.79
O ACT S . -28.03 28.18 4.99
OXT ACT S . -28.49 29.13 6.84
CH3 ACT S . -26.78 30.18 5.52
C ACT T . -20.63 23.48 -18.13
O ACT T . -19.60 23.41 -18.84
OXT ACT T . -21.62 22.82 -18.51
CH3 ACT T . -20.67 24.34 -16.89
CL CL U . 2.40 12.63 -12.61
O1 MES V . 0.93 -56.02 2.40
C2 MES V . -0.36 -56.65 2.45
C3 MES V . -0.42 -57.79 3.47
N4 MES V . 0.02 -57.23 4.74
C5 MES V . 1.16 -56.33 4.78
C6 MES V . 1.83 -56.45 3.42
C7 MES V . -0.38 -57.88 5.98
C8 MES V . 0.66 -58.97 6.22
S MES V . 0.40 -59.63 7.72
O1S MES V . 0.83 -61.05 7.71
O2S MES V . 1.21 -58.90 8.72
O3S MES V . -1.03 -59.54 8.08
O1 MES W . -3.84 -52.91 -2.67
C2 MES W . -3.51 -53.67 -1.51
C3 MES W . -4.40 -54.90 -1.42
N4 MES W . -5.78 -54.44 -1.42
C5 MES W . -6.08 -53.03 -1.62
C6 MES W . -5.21 -52.51 -2.77
C7 MES W . -6.76 -55.25 -0.71
C8 MES W . -6.35 -55.19 0.75
S MES W . -6.30 -56.75 1.33
O1S MES W . -7.11 -57.61 0.45
O2S MES W . -4.90 -57.23 1.35
O3S MES W . -6.85 -56.78 2.70
MG MG X . -6.76 -13.25 -32.98
C ACT Y . -7.18 -54.69 -4.81
O ACT Y . -7.01 -55.47 -3.85
OXT ACT Y . -8.35 -54.27 -4.96
CH3 ACT Y . -6.07 -54.32 -5.73
CL CL Z . -0.40 -49.69 2.13
C FMT AA . -9.37 -34.77 -32.41
O1 FMT AA . -9.99 -35.34 -31.52
O2 FMT AA . -8.39 -35.26 -33.00
#